data_6ILJ
#
_entry.id   6ILJ
#
_cell.length_a   1.0
_cell.length_b   1.0
_cell.length_c   1.0
_cell.angle_alpha   90.00
_cell.angle_beta   90.00
_cell.angle_gamma   90.00
#
_symmetry.space_group_name_H-M   'P 1'
#
loop_
_entity.id
_entity.type
_entity.pdbx_description
1 polymer 'Capsid protein VP1'
2 polymer 'Capsid protein VP2'
3 polymer 'Capsid protein VP3'
4 polymer 'Capsid protein VP4'
5 polymer 'Complement decay-accelerating factor'
6 non-polymer SPHINGOSINE
#
loop_
_entity_poly.entity_id
_entity_poly.type
_entity_poly.pdbx_seq_one_letter_code
_entity_poly.pdbx_strand_id
1 'polypeptide(L)'
;VVRVADTMPSGPSNSESIPALTAAETGHTSQVVPSDTIQTRHVRNFHVRSESSVENFLSRSACVYIVEYKTRDDTPDKMY
DSWVINTRQVAQLRRKLEFFTYVRFDVEVTFVITSVQDDSTRQNTDTPALTHQIMYVPPGGPIPQAVDDYNWQTSTNPSV
FWTEGNAPPRMSIPFMSVGNAYSNFYDGWSHFSQTGVYGFNTLNNMGKLYFRHVNDKTISPITSKVRIYFKPKHVKAWVP
RPPRLCEYTHKDNVDFEPKGVTTSRTQLTISNSTHVEN
;
A
2 'polypeptide(L)'
;SDRVRSITLGNSTITTQESANVVVGYGVWPDYLSDEEATAEDQPTQPDVATCRFYTLDSVSWMKESQGWWWKFPDALRDM
GLFGQNMQYHYLGRSGYTIHVQCNASKFHQGCLLVVCVPEAEMGAANINEKINREHLSNGEVANTFSGTKSSNTNDVQQA
VFNAGMGVAVGNLTIFPHQWINLRTNNCATIVMPYINSVPMDNMFRHYNFTLMIIPFAKLDYAAGSSTYIPITVTVAPMC
AEYNGLRLAGHQ
;
B
3 'polypeptide(L)'
;GLPVMNTPGSNQFLTSDDYQSPTAMPQFDVTPEMNIPGEVKNLMEIAEVDSVVPVNNVNENVNSLEAYRIPVHSVTETGA
QVFGFTLQPGADTVMERTLLGEILNYYANWSGSIKLTFMYCGSAMATGKFLLAYSPPGAGVPKNRREAMLGTHIIWDIGL
QSSCVLCVPWISQTHYRFVSKDIYTDAGFITCWYQTSIVVPAEVQNQSVILCFVSACNDFSVRLLRDSPFVRQTAFYQ
;
C
4 'polypeptide(L)' GAQVSTQKTGAHETSLSASGNSIIHYTNINYYKDAASNSANRQDFTQDPGKFTEPVKDIMVKSLPALN D
5 'polypeptide(L)'
;CNRSCEVPTRLNSASLKQPYITQNYFPVGTVVEYECRPGYRREPSLSPKLTCLQNLKWSTAVEFCKKKSCPNPGEIRNGQ
IDVPGGILFGATISFSCNTGYKLFGSTSSFCLISGSSVQWSDPLPECREIYCPAPPQIDNGIIQGERDHYGYRQSVTYAC
NKGFTMIGEHSIYCTVNNDEGEWSGPPPECRG
;
E
#
loop_
_chem_comp.id
_chem_comp.type
_chem_comp.name
_chem_comp.formula
SPH non-polymer SPHINGOSINE 'C18 H37 N O2'
#
# COMPACT_ATOMS: atom_id res chain seq x y z
N VAL A 1 -5.63 -24.99 -21.15
CA VAL A 1 -5.59 -23.69 -21.79
C VAL A 1 -6.96 -23.03 -21.70
N VAL A 2 -7.03 -21.91 -21.01
CA VAL A 2 -8.29 -21.23 -20.74
C VAL A 2 -8.33 -19.98 -21.62
N ARG A 3 -9.10 -20.05 -22.69
CA ARG A 3 -9.28 -18.92 -23.59
C ARG A 3 -10.14 -17.85 -22.95
N VAL A 4 -10.12 -16.66 -23.56
CA VAL A 4 -11.00 -15.60 -23.11
C VAL A 4 -12.42 -15.88 -23.60
N ALA A 5 -13.37 -15.15 -23.03
CA ALA A 5 -14.77 -15.34 -23.37
C ALA A 5 -15.06 -14.81 -24.77
N ASP A 6 -16.02 -15.45 -25.43
CA ASP A 6 -16.35 -15.13 -26.80
C ASP A 6 -17.46 -14.10 -26.85
N THR A 7 -17.74 -13.62 -28.06
CA THR A 7 -18.83 -12.71 -28.32
C THR A 7 -19.95 -13.47 -29.03
N MET A 8 -21.12 -13.41 -28.48
CA MET A 8 -22.29 -14.05 -29.07
C MET A 8 -23.07 -13.06 -29.91
N PRO A 9 -23.69 -13.49 -31.00
CA PRO A 9 -24.45 -12.56 -31.83
C PRO A 9 -25.75 -12.12 -31.17
N SER A 10 -26.25 -10.97 -31.62
CA SER A 10 -27.44 -10.36 -31.06
C SER A 10 -28.25 -9.71 -32.17
N GLY A 11 -29.40 -9.15 -31.80
CA GLY A 11 -30.27 -8.48 -32.75
C GLY A 11 -30.97 -7.29 -32.12
N PRO A 12 -32.06 -6.84 -32.73
CA PRO A 12 -32.82 -5.73 -32.15
C PRO A 12 -33.55 -6.17 -30.90
N SER A 13 -33.85 -5.19 -30.06
CA SER A 13 -34.51 -5.47 -28.78
C SER A 13 -35.39 -4.28 -28.42
N ASN A 14 -36.58 -4.59 -27.90
CA ASN A 14 -37.48 -3.55 -27.38
C ASN A 14 -38.27 -4.22 -26.25
N SER A 15 -37.77 -4.08 -25.03
CA SER A 15 -38.29 -4.84 -23.90
C SER A 15 -37.97 -4.10 -22.62
N GLU A 16 -38.40 -4.66 -21.49
CA GLU A 16 -38.12 -4.10 -20.18
C GLU A 16 -36.83 -4.64 -19.58
N SER A 17 -35.96 -5.20 -20.40
CA SER A 17 -34.66 -5.67 -19.96
C SER A 17 -33.64 -4.56 -20.16
N ILE A 18 -33.07 -4.07 -19.08
CA ILE A 18 -32.13 -2.95 -19.16
C ILE A 18 -30.78 -3.32 -18.60
N PRO A 19 -29.87 -3.83 -19.43
CA PRO A 19 -28.51 -4.10 -18.94
C PRO A 19 -27.69 -2.85 -18.72
N ALA A 20 -28.01 -1.74 -19.40
CA ALA A 20 -27.21 -0.53 -19.27
C ALA A 20 -27.46 0.17 -17.94
N LEU A 21 -28.71 0.39 -17.58
CA LEU A 21 -29.04 1.04 -16.31
C LEU A 21 -28.70 0.12 -15.15
N THR A 22 -27.67 0.47 -14.40
CA THR A 22 -27.29 -0.29 -13.22
C THR A 22 -27.25 0.62 -12.02
N ALA A 23 -26.80 0.11 -10.88
CA ALA A 23 -26.53 0.95 -9.71
C ALA A 23 -25.09 0.70 -9.30
N ALA A 24 -24.22 1.66 -9.58
CA ALA A 24 -22.83 1.56 -9.18
C ALA A 24 -22.60 1.97 -7.73
N GLU A 25 -23.68 2.28 -7.02
CA GLU A 25 -23.66 2.60 -5.60
C GLU A 25 -23.64 1.36 -4.71
N THR A 26 -23.83 0.17 -5.27
CA THR A 26 -23.88 -1.04 -4.47
C THR A 26 -22.53 -1.75 -4.38
N GLY A 27 -21.44 -1.03 -4.65
CA GLY A 27 -20.12 -1.62 -4.62
C GLY A 27 -19.93 -2.71 -5.66
N HIS A 28 -20.55 -2.55 -6.82
CA HIS A 28 -20.73 -3.64 -7.75
C HIS A 28 -20.30 -3.19 -9.14
N THR A 29 -19.35 -3.90 -9.72
CA THR A 29 -18.94 -3.64 -11.09
C THR A 29 -19.93 -4.32 -12.03
N SER A 30 -20.50 -3.54 -12.94
CA SER A 30 -21.49 -4.08 -13.86
C SER A 30 -20.83 -5.02 -14.86
N GLN A 31 -21.60 -5.99 -15.33
CA GLN A 31 -21.04 -7.07 -16.13
C GLN A 31 -21.58 -7.05 -17.55
N VAL A 32 -21.70 -5.85 -18.13
CA VAL A 32 -22.35 -5.69 -19.43
C VAL A 32 -21.45 -6.29 -20.51
N VAL A 33 -21.91 -7.39 -21.09
CA VAL A 33 -21.28 -7.96 -22.29
C VAL A 33 -21.48 -6.99 -23.45
N PRO A 34 -20.50 -6.85 -24.36
CA PRO A 34 -20.72 -5.98 -25.53
C PRO A 34 -21.86 -6.41 -26.46
N SER A 35 -22.38 -7.62 -26.34
CA SER A 35 -23.53 -8.06 -27.12
C SER A 35 -24.85 -7.64 -26.49
N ASP A 36 -24.85 -6.82 -25.45
CA ASP A 36 -26.08 -6.47 -24.77
C ASP A 36 -26.60 -5.08 -25.12
N THR A 37 -25.76 -4.21 -25.68
CA THR A 37 -26.20 -2.87 -26.05
C THR A 37 -26.24 -2.65 -27.55
N ILE A 38 -25.26 -3.15 -28.28
CA ILE A 38 -25.23 -3.03 -29.74
C ILE A 38 -25.43 -4.41 -30.33
N GLN A 39 -25.74 -4.44 -31.62
CA GLN A 39 -25.85 -5.71 -32.33
C GLN A 39 -24.45 -6.19 -32.69
N THR A 40 -24.06 -7.35 -32.19
CA THR A 40 -22.75 -7.89 -32.48
C THR A 40 -22.87 -9.13 -33.36
N ARG A 41 -21.74 -9.67 -33.74
CA ARG A 41 -21.64 -10.86 -34.57
C ARG A 41 -20.94 -11.95 -33.79
N HIS A 42 -20.91 -13.15 -34.36
CA HIS A 42 -20.25 -14.26 -33.71
C HIS A 42 -18.75 -14.14 -33.94
N VAL A 43 -18.00 -13.90 -32.88
CA VAL A 43 -16.55 -13.85 -32.95
C VAL A 43 -16.01 -14.93 -32.03
N ARG A 44 -15.36 -15.94 -32.61
CA ARG A 44 -14.69 -16.97 -31.85
C ARG A 44 -13.30 -16.46 -31.50
N ASN A 45 -13.08 -16.13 -30.24
CA ASN A 45 -11.90 -15.38 -29.83
C ASN A 45 -10.86 -16.36 -29.30
N PHE A 46 -9.60 -16.17 -29.71
CA PHE A 46 -8.52 -17.11 -29.40
C PHE A 46 -7.46 -16.54 -28.49
N HIS A 47 -7.76 -15.48 -27.74
CA HIS A 47 -6.78 -14.82 -26.89
C HIS A 47 -6.64 -15.54 -25.56
N VAL A 48 -5.43 -15.56 -25.03
CA VAL A 48 -5.11 -16.28 -23.80
C VAL A 48 -4.56 -15.29 -22.79
N ARG A 49 -5.13 -15.27 -21.58
CA ARG A 49 -4.61 -14.46 -20.49
C ARG A 49 -3.44 -15.20 -19.83
N SER A 50 -2.35 -15.31 -20.58
CA SER A 50 -1.20 -16.06 -20.11
C SER A 50 -0.17 -15.17 -19.43
N GLU A 51 0.26 -14.12 -20.10
CA GLU A 51 1.36 -13.30 -19.62
C GLU A 51 0.86 -12.15 -18.74
N SER A 52 -0.36 -12.26 -18.22
CA SER A 52 -0.85 -11.36 -17.19
C SER A 52 -0.99 -12.05 -15.85
N SER A 53 -0.67 -13.33 -15.74
CA SER A 53 -0.80 -14.01 -14.46
C SER A 53 0.30 -13.56 -13.51
N VAL A 54 0.09 -13.83 -12.22
CA VAL A 54 0.97 -13.34 -11.16
C VAL A 54 2.36 -13.94 -11.28
N GLU A 55 2.42 -15.21 -11.68
CA GLU A 55 3.71 -15.85 -11.93
C GLU A 55 4.39 -15.24 -13.15
N ASN A 56 3.64 -15.02 -14.23
CA ASN A 56 4.25 -14.41 -15.41
C ASN A 56 4.53 -12.92 -15.23
N PHE A 57 3.97 -12.29 -14.19
CA PHE A 57 4.21 -10.89 -13.90
C PHE A 57 5.38 -10.67 -12.96
N LEU A 58 5.57 -11.57 -11.98
CA LEU A 58 6.61 -11.34 -10.99
C LEU A 58 7.90 -12.11 -11.25
N SER A 59 7.85 -13.22 -11.98
CA SER A 59 9.06 -14.05 -12.14
C SER A 59 9.96 -13.51 -13.24
N ARG A 60 10.61 -12.39 -12.92
CA ARG A 60 11.71 -11.85 -13.68
C ARG A 60 12.85 -11.51 -12.73
N SER A 61 14.08 -11.65 -13.19
CA SER A 61 15.23 -11.40 -12.33
C SER A 61 15.46 -9.91 -12.14
N ALA A 62 14.86 -9.31 -11.12
CA ALA A 62 15.06 -7.88 -10.88
C ALA A 62 16.32 -7.63 -10.06
N CYS A 63 16.62 -6.37 -9.76
CA CYS A 63 17.87 -5.97 -9.11
C CYS A 63 17.52 -5.22 -7.84
N VAL A 64 18.33 -5.38 -6.79
CA VAL A 64 17.92 -4.85 -5.49
C VAL A 64 18.96 -3.95 -4.81
N TYR A 65 20.25 -4.14 -5.09
CA TYR A 65 21.30 -3.31 -4.48
C TYR A 65 22.61 -3.58 -5.19
N ILE A 66 23.52 -2.61 -5.11
CA ILE A 66 24.88 -2.73 -5.60
C ILE A 66 25.81 -2.65 -4.41
N VAL A 67 26.88 -3.46 -4.41
CA VAL A 67 27.79 -3.56 -3.27
C VAL A 67 29.22 -3.44 -3.77
N GLU A 68 29.98 -2.50 -3.20
CA GLU A 68 31.34 -2.24 -3.62
C GLU A 68 32.29 -2.52 -2.47
N TYR A 69 33.46 -3.10 -2.79
CA TYR A 69 34.50 -3.38 -1.83
C TYR A 69 35.81 -3.56 -2.57
N LYS A 70 36.90 -3.14 -1.92
CA LYS A 70 38.23 -3.12 -2.52
C LYS A 70 39.06 -4.30 -2.02
N THR A 71 40.20 -4.49 -2.65
CA THR A 71 41.11 -5.56 -2.23
C THR A 71 42.42 -5.06 -1.64
N ARG A 72 42.69 -3.75 -1.70
CA ARG A 72 43.84 -3.17 -1.02
C ARG A 72 43.44 -1.77 -0.61
N ASP A 73 43.08 -1.59 0.65
CA ASP A 73 42.79 -0.27 1.18
C ASP A 73 43.51 -0.11 2.51
N ASP A 74 43.84 1.14 2.84
CA ASP A 74 44.49 1.41 4.11
C ASP A 74 43.52 1.23 5.27
N THR A 75 42.28 1.65 5.11
CA THR A 75 41.27 1.41 6.14
C THR A 75 40.75 -0.02 6.03
N PRO A 76 40.61 -0.73 7.15
CA PRO A 76 40.14 -2.13 7.09
C PRO A 76 38.66 -2.29 6.86
N ASP A 77 37.89 -1.20 6.82
CA ASP A 77 36.45 -1.30 6.69
C ASP A 77 35.97 -1.24 5.24
N LYS A 78 36.84 -0.84 4.32
CA LYS A 78 36.51 -0.86 2.90
C LYS A 78 37.11 -2.05 2.18
N MET A 79 37.62 -3.03 2.90
CA MET A 79 38.09 -4.25 2.28
C MET A 79 37.02 -5.33 2.23
N TYR A 80 35.83 -5.04 2.75
CA TYR A 80 34.68 -5.92 2.69
C TYR A 80 33.44 -5.05 2.82
N ASP A 81 32.30 -5.58 2.43
CA ASP A 81 31.07 -4.81 2.52
C ASP A 81 29.90 -5.73 2.86
N SER A 82 28.87 -5.13 3.44
CA SER A 82 27.70 -5.85 3.91
C SER A 82 26.44 -5.19 3.38
N TRP A 83 25.31 -5.89 3.57
CA TRP A 83 24.00 -5.41 3.15
C TRP A 83 22.94 -6.16 3.93
N VAL A 84 22.13 -5.45 4.71
CA VAL A 84 20.99 -6.06 5.39
C VAL A 84 19.90 -6.31 4.36
N ILE A 85 19.40 -7.54 4.31
CA ILE A 85 18.57 -7.99 3.20
C ILE A 85 17.15 -7.43 3.36
N ASN A 86 16.78 -6.53 2.46
CA ASN A 86 15.40 -6.16 2.19
C ASN A 86 15.24 -6.09 0.67
N THR A 87 14.03 -5.81 0.21
CA THR A 87 13.79 -5.64 -1.22
C THR A 87 13.30 -4.23 -1.53
N ARG A 88 13.77 -3.24 -0.77
CA ARG A 88 13.12 -1.95 -0.74
C ARG A 88 14.10 -0.80 -0.97
N GLN A 89 15.13 -1.02 -1.76
CA GLN A 89 16.06 0.05 -2.08
C GLN A 89 16.14 0.32 -3.58
N VAL A 90 15.42 -0.44 -4.39
CA VAL A 90 15.21 -0.14 -5.81
C VAL A 90 13.71 -0.07 -6.03
N ALA A 91 13.25 0.98 -6.72
CA ALA A 91 11.82 1.29 -6.76
C ALA A 91 11.01 0.35 -7.66
N GLN A 92 11.63 -0.29 -8.64
CA GLN A 92 10.86 -1.07 -9.61
C GLN A 92 10.32 -2.36 -9.00
N LEU A 93 11.20 -3.18 -8.44
CA LEU A 93 10.78 -4.42 -7.78
C LEU A 93 9.99 -4.14 -6.52
N ARG A 94 10.25 -3.00 -5.86
CA ARG A 94 9.46 -2.62 -4.70
C ARG A 94 8.03 -2.29 -5.08
N ARG A 95 7.85 -1.53 -6.16
CA ARG A 95 6.50 -1.18 -6.60
C ARG A 95 5.74 -2.42 -7.10
N LYS A 96 6.44 -3.30 -7.83
CA LYS A 96 5.83 -4.53 -8.31
C LYS A 96 5.42 -5.46 -7.17
N LEU A 97 6.21 -5.51 -6.10
CA LEU A 97 5.74 -6.25 -4.93
C LEU A 97 4.64 -5.53 -4.18
N GLU A 98 4.63 -4.20 -4.21
CA GLU A 98 3.59 -3.45 -3.51
C GLU A 98 2.31 -3.32 -4.31
N PHE A 99 2.18 -4.02 -5.44
CA PHE A 99 0.84 -4.30 -5.95
C PHE A 99 0.02 -5.14 -4.97
N PHE A 100 0.65 -6.03 -4.22
CA PHE A 100 -0.06 -6.96 -3.36
C PHE A 100 0.30 -6.69 -1.91
N THR A 101 -0.55 -7.16 -1.01
CA THR A 101 -0.33 -6.91 0.41
C THR A 101 0.43 -8.04 1.09
N TYR A 102 0.04 -9.28 0.85
CA TYR A 102 0.76 -10.43 1.38
C TYR A 102 1.22 -11.29 0.22
N VAL A 103 2.49 -11.71 0.24
CA VAL A 103 3.04 -12.55 -0.81
C VAL A 103 3.79 -13.72 -0.18
N ARG A 104 4.01 -14.75 -0.99
CA ARG A 104 4.60 -16.01 -0.55
C ARG A 104 5.32 -16.63 -1.73
N PHE A 105 6.64 -16.75 -1.66
CA PHE A 105 7.40 -17.20 -2.82
C PHE A 105 8.78 -17.71 -2.39
N ASP A 106 9.44 -18.37 -3.33
CA ASP A 106 10.84 -18.77 -3.20
C ASP A 106 11.70 -17.87 -4.07
N VAL A 107 12.94 -17.68 -3.65
CA VAL A 107 13.80 -16.68 -4.27
C VAL A 107 14.97 -17.39 -4.91
N GLU A 108 15.19 -17.10 -6.19
CA GLU A 108 16.33 -17.60 -6.94
C GLU A 108 17.32 -16.45 -7.13
N VAL A 109 18.51 -16.58 -6.57
CA VAL A 109 19.40 -15.44 -6.32
C VAL A 109 20.62 -15.56 -7.21
N THR A 110 20.94 -14.49 -7.94
CA THR A 110 22.10 -14.48 -8.83
C THR A 110 22.94 -13.24 -8.56
N PHE A 111 24.26 -13.43 -8.51
CA PHE A 111 25.22 -12.36 -8.31
C PHE A 111 25.99 -12.16 -9.60
N VAL A 112 26.18 -10.91 -10.00
CA VAL A 112 26.92 -10.57 -11.21
C VAL A 112 28.11 -9.72 -10.76
N ILE A 113 29.29 -10.31 -10.77
CA ILE A 113 30.46 -9.73 -10.09
C ILE A 113 31.44 -9.22 -11.13
N THR A 114 31.80 -7.95 -11.03
CA THR A 114 32.72 -7.30 -11.95
C THR A 114 33.80 -6.57 -11.17
N SER A 115 35.04 -6.66 -11.64
CA SER A 115 36.17 -6.02 -10.98
C SER A 115 36.81 -4.99 -11.90
N VAL A 116 37.17 -3.85 -11.32
CA VAL A 116 37.82 -2.75 -12.05
C VAL A 116 39.14 -2.46 -11.37
N GLN A 117 40.21 -2.39 -12.15
CA GLN A 117 41.51 -1.98 -11.62
C GLN A 117 41.49 -0.49 -11.30
N ASP A 118 41.75 -0.14 -10.04
CA ASP A 118 41.79 1.26 -9.64
C ASP A 118 43.07 1.92 -10.11
N ASP A 119 43.17 3.22 -9.87
CA ASP A 119 44.28 4.02 -10.35
C ASP A 119 45.41 3.99 -9.32
N SER A 120 46.62 3.73 -9.79
CA SER A 120 47.81 3.78 -8.96
C SER A 120 49.00 4.05 -9.87
N THR A 121 50.17 4.24 -9.24
CA THR A 121 51.39 4.38 -10.01
C THR A 121 51.80 3.05 -10.63
N ARG A 122 52.06 2.05 -9.79
CA ARG A 122 52.36 0.70 -10.26
C ARG A 122 51.05 0.07 -10.71
N GLN A 123 50.70 0.34 -11.96
CA GLN A 123 49.49 -0.20 -12.55
C GLN A 123 49.74 -1.37 -13.49
N ASN A 124 51.00 -1.65 -13.84
CA ASN A 124 51.34 -2.78 -14.68
C ASN A 124 51.64 -4.00 -13.82
N THR A 125 50.66 -4.87 -13.64
CA THR A 125 50.84 -6.07 -12.84
C THR A 125 50.62 -7.31 -13.70
N ASP A 126 50.66 -8.46 -13.05
CA ASP A 126 50.34 -9.75 -13.66
C ASP A 126 49.53 -10.48 -12.58
N THR A 127 48.24 -10.25 -12.59
CA THR A 127 47.42 -10.71 -11.48
C THR A 127 46.73 -12.00 -11.85
N PRO A 128 46.76 -13.02 -11.00
CA PRO A 128 45.95 -14.22 -11.25
C PRO A 128 44.46 -13.98 -11.07
N ALA A 129 43.65 -15.01 -11.28
CA ALA A 129 42.20 -14.85 -11.29
C ALA A 129 41.68 -14.64 -9.88
N LEU A 130 40.87 -13.59 -9.72
CA LEU A 130 40.35 -13.24 -8.40
C LEU A 130 39.27 -14.23 -7.96
N THR A 131 39.15 -14.41 -6.65
CA THR A 131 38.18 -15.33 -6.08
C THR A 131 37.38 -14.61 -5.01
N HIS A 132 36.06 -14.72 -5.08
CA HIS A 132 35.16 -14.02 -4.20
C HIS A 132 34.47 -14.99 -3.25
N GLN A 133 34.10 -14.50 -2.07
CA GLN A 133 33.30 -15.26 -1.12
C GLN A 133 32.08 -14.44 -0.74
N ILE A 134 30.91 -15.07 -0.79
CA ILE A 134 29.65 -14.43 -0.50
C ILE A 134 29.00 -15.20 0.63
N MET A 135 29.02 -14.65 1.84
CA MET A 135 28.57 -15.37 3.02
C MET A 135 27.26 -14.79 3.52
N TYR A 136 26.30 -15.67 3.81
CA TYR A 136 25.01 -15.31 4.36
C TYR A 136 25.00 -15.55 5.87
N VAL A 137 24.51 -14.57 6.62
CA VAL A 137 24.40 -14.69 8.07
C VAL A 137 22.91 -14.72 8.41
N PRO A 138 22.40 -15.80 9.01
CA PRO A 138 21.02 -15.83 9.48
C PRO A 138 20.81 -14.83 10.61
N PRO A 139 19.55 -14.46 10.92
CA PRO A 139 19.34 -13.41 11.93
C PRO A 139 19.72 -13.80 13.34
N GLY A 140 20.79 -13.20 13.85
CA GLY A 140 21.29 -13.47 15.18
C GLY A 140 22.70 -14.02 15.23
N GLY A 141 23.29 -14.39 14.09
CA GLY A 141 24.56 -15.06 14.09
C GLY A 141 25.71 -14.12 14.35
N PRO A 142 26.92 -14.67 14.34
CA PRO A 142 28.10 -13.84 14.55
C PRO A 142 28.52 -13.16 13.25
N ILE A 143 28.94 -11.91 13.38
CA ILE A 143 29.25 -11.08 12.22
C ILE A 143 30.76 -10.91 12.11
N PRO A 144 31.33 -10.88 10.91
CA PRO A 144 32.76 -10.60 10.76
C PRO A 144 33.07 -9.14 11.04
N GLN A 145 34.35 -8.90 11.33
CA GLN A 145 34.83 -7.55 11.57
C GLN A 145 36.08 -7.20 10.77
N ALA A 146 36.65 -8.14 10.01
CA ALA A 146 37.81 -7.88 9.17
C ALA A 146 37.81 -8.92 8.06
N VAL A 147 38.77 -8.78 7.14
CA VAL A 147 38.87 -9.76 6.07
C VAL A 147 39.61 -11.01 6.51
N ASP A 148 40.46 -10.90 7.53
CA ASP A 148 41.19 -12.04 8.04
C ASP A 148 40.58 -12.57 9.34
N ASP A 149 39.30 -12.30 9.58
CA ASP A 149 38.64 -12.82 10.76
C ASP A 149 38.38 -14.31 10.59
N TYR A 150 38.37 -15.02 11.70
CA TYR A 150 38.03 -16.44 11.70
C TYR A 150 36.53 -16.69 11.77
N ASN A 151 35.72 -15.63 11.73
CA ASN A 151 34.28 -15.78 11.60
C ASN A 151 33.84 -16.09 10.18
N TRP A 152 34.75 -16.02 9.21
CA TRP A 152 34.45 -16.34 7.83
C TRP A 152 34.55 -17.83 7.54
N GLN A 153 34.76 -18.68 8.54
CA GLN A 153 35.11 -20.08 8.29
C GLN A 153 33.92 -20.97 7.97
N THR A 154 32.73 -20.38 7.76
CA THR A 154 31.51 -20.94 7.15
C THR A 154 31.15 -22.38 7.49
N SER A 155 31.31 -22.75 8.76
CA SER A 155 31.02 -24.12 9.18
C SER A 155 29.54 -24.43 9.16
N THR A 156 28.69 -23.42 9.34
CA THR A 156 27.25 -23.65 9.37
C THR A 156 26.57 -22.70 8.40
N ASN A 157 27.13 -21.51 8.25
CA ASN A 157 26.57 -20.52 7.35
C ASN A 157 26.76 -20.97 5.89
N PRO A 158 25.73 -20.82 5.05
CA PRO A 158 25.92 -21.12 3.62
C PRO A 158 26.71 -19.99 2.95
N SER A 159 27.83 -20.35 2.33
CA SER A 159 28.67 -19.38 1.63
C SER A 159 29.02 -19.90 0.26
N VAL A 160 29.22 -18.99 -0.69
CA VAL A 160 29.37 -19.33 -2.10
C VAL A 160 30.67 -18.75 -2.61
N PHE A 161 31.53 -19.61 -3.16
CA PHE A 161 32.81 -19.20 -3.71
C PHE A 161 32.73 -19.13 -5.23
N TRP A 162 33.40 -18.15 -5.80
CA TRP A 162 33.31 -17.92 -7.24
C TRP A 162 34.67 -17.51 -7.78
N THR A 163 35.02 -18.04 -8.94
CA THR A 163 36.28 -17.73 -9.59
C THR A 163 35.99 -16.88 -10.82
N GLU A 164 36.80 -15.85 -11.04
CA GLU A 164 36.55 -14.88 -12.10
C GLU A 164 36.67 -15.53 -13.48
N GLY A 165 35.64 -15.35 -14.30
CA GLY A 165 35.62 -15.86 -15.66
C GLY A 165 34.57 -16.91 -15.94
N ASN A 166 33.86 -17.38 -14.93
CA ASN A 166 32.91 -18.48 -15.13
C ASN A 166 31.49 -17.93 -15.23
N ALA A 167 30.51 -18.83 -15.15
CA ALA A 167 29.12 -18.42 -15.07
C ALA A 167 28.84 -17.77 -13.71
N PRO A 168 27.88 -16.86 -13.64
CA PRO A 168 27.55 -16.22 -12.36
C PRO A 168 26.96 -17.21 -11.38
N PRO A 169 27.11 -16.96 -10.07
CA PRO A 169 26.56 -17.88 -9.07
C PRO A 169 25.04 -17.80 -8.99
N ARG A 170 24.42 -18.92 -8.69
CA ARG A 170 22.97 -18.97 -8.60
C ARG A 170 22.57 -20.01 -7.58
N MET A 171 21.72 -19.62 -6.64
CA MET A 171 21.19 -20.59 -5.70
C MET A 171 19.76 -20.20 -5.35
N SER A 172 18.95 -21.21 -5.04
CA SER A 172 17.57 -20.98 -4.63
C SER A 172 17.45 -21.02 -3.12
N ILE A 173 16.47 -20.28 -2.61
CA ILE A 173 16.22 -20.16 -1.19
C ILE A 173 14.74 -20.36 -0.94
N PRO A 174 14.34 -21.22 -0.01
CA PRO A 174 12.91 -21.43 0.23
C PRO A 174 12.29 -20.30 1.02
N PHE A 175 11.03 -20.51 1.42
CA PHE A 175 10.21 -19.50 2.06
C PHE A 175 10.71 -19.26 3.49
N MET A 176 11.63 -18.31 3.64
CA MET A 176 12.28 -18.05 4.94
C MET A 176 11.50 -16.99 5.71
N SER A 177 10.33 -17.37 6.18
CA SER A 177 9.51 -16.44 6.95
C SER A 177 8.89 -17.15 8.13
N VAL A 178 8.57 -16.38 9.17
CA VAL A 178 7.97 -16.96 10.35
C VAL A 178 6.45 -16.90 10.31
N GLY A 179 5.87 -16.05 9.47
CA GLY A 179 4.43 -15.99 9.32
C GLY A 179 3.96 -16.91 8.22
N ASN A 180 2.65 -16.88 7.97
CA ASN A 180 2.10 -17.70 6.90
C ASN A 180 2.34 -17.09 5.52
N ALA A 181 2.74 -15.82 5.45
CA ALA A 181 3.13 -15.16 4.22
C ALA A 181 3.98 -13.96 4.57
N TYR A 182 4.63 -13.39 3.56
CA TYR A 182 5.36 -12.15 3.79
C TYR A 182 4.38 -11.00 3.95
N SER A 183 4.86 -9.92 4.53
CA SER A 183 4.05 -8.73 4.73
C SER A 183 4.70 -7.57 4.00
N ASN A 184 4.02 -7.08 2.96
CA ASN A 184 4.49 -5.88 2.29
C ASN A 184 4.14 -4.64 3.08
N PHE A 185 3.06 -4.68 3.85
CA PHE A 185 2.57 -3.54 4.61
C PHE A 185 2.12 -3.98 5.97
N TYR A 186 2.61 -3.32 7.01
CA TYR A 186 2.30 -3.66 8.39
C TYR A 186 1.96 -2.39 9.13
N ASP A 187 0.69 -2.26 9.52
CA ASP A 187 0.20 -1.07 10.20
C ASP A 187 0.19 -1.36 11.70
N GLY A 188 1.36 -1.24 12.31
CA GLY A 188 1.45 -1.49 13.73
C GLY A 188 2.77 -1.02 14.29
N TRP A 189 2.98 -1.34 15.56
CA TRP A 189 4.12 -0.87 16.31
C TRP A 189 4.99 -2.06 16.70
N SER A 190 6.16 -1.78 17.27
CA SER A 190 7.01 -2.86 17.75
C SER A 190 6.70 -3.24 19.18
N HIS A 191 6.42 -2.25 20.03
CA HIS A 191 6.16 -2.50 21.44
C HIS A 191 4.67 -2.50 21.70
N PHE A 192 4.29 -3.23 22.75
CA PHE A 192 2.87 -3.44 23.05
C PHE A 192 2.20 -2.20 23.60
N SER A 193 2.98 -1.21 24.03
CA SER A 193 2.45 0.07 24.48
C SER A 193 2.20 1.03 23.32
N GLN A 194 2.21 0.53 22.09
CA GLN A 194 2.03 1.30 20.86
C GLN A 194 3.06 2.43 20.76
N THR A 195 4.31 2.10 21.05
CA THR A 195 5.44 2.98 20.89
C THR A 195 6.45 2.31 19.97
N GLY A 196 7.67 2.84 19.94
CA GLY A 196 8.73 2.16 19.22
C GLY A 196 8.85 2.60 17.78
N VAL A 197 9.04 1.63 16.89
CA VAL A 197 9.21 1.89 15.47
C VAL A 197 7.92 1.50 14.77
N TYR A 198 7.55 2.26 13.75
CA TYR A 198 6.28 2.10 13.07
C TYR A 198 6.49 1.52 11.68
N GLY A 199 5.66 0.57 11.32
CA GLY A 199 5.60 0.11 9.96
C GLY A 199 6.21 -1.26 9.76
N PHE A 200 6.61 -1.51 8.52
CA PHE A 200 7.13 -2.81 8.11
C PHE A 200 8.55 -3.09 8.59
N ASN A 201 9.16 -2.17 9.32
CA ASN A 201 10.55 -2.38 9.74
C ASN A 201 10.66 -3.41 10.86
N THR A 202 9.56 -3.69 11.57
CA THR A 202 9.60 -4.72 12.60
C THR A 202 9.65 -6.12 12.03
N LEU A 203 9.22 -6.31 10.78
CA LEU A 203 9.03 -7.63 10.21
C LEU A 203 10.07 -8.00 9.17
N ASN A 204 11.20 -7.29 9.12
CA ASN A 204 12.17 -7.64 8.09
C ASN A 204 12.97 -8.87 8.53
N ASN A 205 13.85 -8.69 9.51
CA ASN A 205 14.52 -9.74 10.29
C ASN A 205 15.15 -10.83 9.41
N MET A 206 15.80 -10.42 8.33
CA MET A 206 16.24 -11.39 7.33
C MET A 206 17.71 -11.78 7.43
N GLY A 207 18.48 -11.13 8.28
CA GLY A 207 19.91 -11.37 8.28
C GLY A 207 20.58 -10.57 7.19
N LYS A 208 21.85 -10.87 6.96
CA LYS A 208 22.63 -10.03 6.08
C LYS A 208 23.71 -10.83 5.37
N LEU A 209 24.20 -10.27 4.27
CA LEU A 209 25.23 -10.86 3.43
C LEU A 209 26.57 -10.18 3.69
N TYR A 210 27.65 -10.93 3.49
CA TYR A 210 29.00 -10.41 3.62
C TYR A 210 29.86 -10.86 2.45
N PHE A 211 30.67 -9.95 1.94
CA PHE A 211 31.42 -10.11 0.70
C PHE A 211 32.88 -9.80 0.97
N ARG A 212 33.80 -10.67 0.52
CA ARG A 212 35.21 -10.33 0.55
C ARG A 212 35.95 -11.05 -0.57
N HIS A 213 37.17 -10.58 -0.85
CA HIS A 213 38.08 -11.28 -1.74
C HIS A 213 38.78 -12.39 -0.98
N VAL A 214 38.77 -13.60 -1.56
CA VAL A 214 39.39 -14.72 -0.88
C VAL A 214 40.90 -14.61 -0.91
N ASN A 215 41.43 -13.92 -1.92
CA ASN A 215 42.87 -13.75 -2.09
C ASN A 215 43.44 -12.86 -0.99
N ASP A 216 44.76 -12.82 -0.92
CA ASP A 216 45.46 -12.02 0.07
C ASP A 216 45.53 -10.57 -0.42
N LYS A 217 46.19 -9.71 0.33
CA LYS A 217 46.33 -8.32 -0.05
C LYS A 217 47.26 -8.19 -1.25
N THR A 218 46.71 -7.75 -2.38
CA THR A 218 47.48 -7.63 -3.62
C THR A 218 48.40 -6.42 -3.56
N ILE A 219 49.21 -6.26 -4.61
CA ILE A 219 50.14 -5.14 -4.69
C ILE A 219 49.54 -3.92 -5.37
N SER A 220 48.33 -4.02 -5.90
CA SER A 220 47.66 -2.89 -6.54
C SER A 220 46.18 -2.93 -6.21
N PRO A 221 45.55 -1.76 -6.07
CA PRO A 221 44.14 -1.75 -5.65
C PRO A 221 43.21 -2.18 -6.78
N ILE A 222 42.32 -3.10 -6.46
CA ILE A 222 41.25 -3.52 -7.37
C ILE A 222 39.94 -3.41 -6.61
N THR A 223 38.97 -2.69 -7.15
CA THR A 223 37.63 -2.68 -6.61
C THR A 223 36.77 -3.68 -7.34
N SER A 224 35.88 -4.35 -6.61
CA SER A 224 34.91 -5.29 -7.16
C SER A 224 33.50 -4.83 -6.83
N LYS A 225 32.56 -5.03 -7.74
CA LYS A 225 31.18 -4.63 -7.54
C LYS A 225 30.26 -5.79 -7.86
N VAL A 226 29.40 -6.13 -6.91
CA VAL A 226 28.54 -7.30 -7.00
C VAL A 226 27.09 -6.85 -6.96
N ARG A 227 26.27 -7.41 -7.85
CA ARG A 227 24.88 -7.00 -8.02
C ARG A 227 23.98 -8.18 -7.69
N ILE A 228 23.12 -8.01 -6.69
CA ILE A 228 22.26 -9.10 -6.24
C ILE A 228 20.98 -9.09 -7.06
N TYR A 229 20.70 -10.22 -7.72
CA TYR A 229 19.49 -10.37 -8.51
C TYR A 229 18.55 -11.37 -7.86
N PHE A 230 17.49 -10.86 -7.23
CA PHE A 230 16.39 -11.68 -6.73
C PHE A 230 15.41 -11.97 -7.85
N LYS A 231 14.82 -13.15 -7.80
CA LYS A 231 13.92 -13.57 -8.86
C LYS A 231 12.84 -14.44 -8.23
N PRO A 232 11.68 -13.90 -7.92
CA PRO A 232 10.67 -14.65 -7.19
C PRO A 232 9.99 -15.69 -8.06
N LYS A 233 9.65 -16.80 -7.42
CA LYS A 233 9.03 -17.93 -8.12
C LYS A 233 8.21 -18.71 -7.11
N HIS A 234 7.28 -19.52 -7.64
CA HIS A 234 6.26 -20.25 -6.87
C HIS A 234 5.43 -19.27 -6.04
N VAL A 235 4.80 -18.32 -6.72
CA VAL A 235 4.29 -17.10 -6.11
C VAL A 235 2.80 -17.23 -5.87
N LYS A 236 2.34 -16.80 -4.69
CA LYS A 236 0.94 -16.56 -4.41
C LYS A 236 0.79 -15.19 -3.78
N ALA A 237 -0.34 -14.54 -4.04
CA ALA A 237 -0.55 -13.20 -3.54
C ALA A 237 -2.01 -13.04 -3.13
N TRP A 238 -2.23 -12.18 -2.14
CA TRP A 238 -3.54 -12.00 -1.57
C TRP A 238 -3.81 -10.52 -1.36
N VAL A 239 -5.09 -10.17 -1.27
CA VAL A 239 -5.68 -8.85 -1.01
C VAL A 239 -4.98 -7.71 -1.73
N PRO A 240 -5.27 -7.52 -3.03
CA PRO A 240 -4.58 -6.50 -3.82
C PRO A 240 -4.80 -5.07 -3.37
N ARG A 241 -4.16 -4.14 -4.07
CA ARG A 241 -3.84 -2.85 -3.50
C ARG A 241 -3.64 -1.87 -4.65
N PRO A 242 -4.05 -0.61 -4.51
CA PRO A 242 -3.82 0.34 -5.59
C PRO A 242 -2.35 0.64 -5.74
N PRO A 243 -1.89 0.85 -6.98
CA PRO A 243 -0.45 1.07 -7.20
C PRO A 243 -0.05 2.43 -6.70
N ARG A 244 1.21 2.54 -6.29
CA ARG A 244 1.67 3.76 -5.65
C ARG A 244 1.84 4.88 -6.67
N LEU A 245 1.32 6.05 -6.33
CA LEU A 245 1.35 7.24 -7.19
C LEU A 245 2.61 8.06 -6.97
N CYS A 246 2.87 8.48 -5.74
CA CYS A 246 3.98 9.34 -5.41
C CYS A 246 5.28 8.55 -5.39
N GLU A 247 6.39 9.27 -5.25
CA GLU A 247 7.71 8.67 -5.27
C GLU A 247 8.18 8.33 -3.87
N TYR A 248 8.99 7.28 -3.79
CA TYR A 248 9.51 6.80 -2.50
C TYR A 248 10.55 7.76 -1.95
N THR A 249 10.71 7.76 -0.65
CA THR A 249 11.72 8.60 -0.01
C THR A 249 12.73 7.83 0.80
N HIS A 250 12.32 6.77 1.49
CA HIS A 250 13.23 5.97 2.30
C HIS A 250 12.89 4.49 2.13
N LYS A 251 13.69 3.66 2.78
CA LYS A 251 13.51 2.22 2.72
C LYS A 251 12.78 1.65 3.92
N ASP A 252 12.54 2.44 4.96
CA ASP A 252 11.98 1.94 6.20
C ASP A 252 10.60 2.48 6.51
N ASN A 253 10.01 3.27 5.62
CA ASN A 253 8.66 3.77 5.81
C ASN A 253 8.02 3.98 4.44
N VAL A 254 6.88 4.66 4.41
CA VAL A 254 6.15 4.90 3.18
C VAL A 254 5.99 6.39 2.95
N ASP A 255 6.87 7.19 3.55
CA ASP A 255 6.70 8.63 3.61
C ASP A 255 6.97 9.26 2.25
N PHE A 256 6.22 10.32 1.93
CA PHE A 256 6.15 10.80 0.55
C PHE A 256 5.91 12.29 0.50
N GLU A 257 6.21 12.86 -0.65
CA GLU A 257 5.84 14.19 -1.13
C GLU A 257 4.51 14.12 -1.84
N PRO A 258 3.57 15.01 -1.54
CA PRO A 258 2.26 14.94 -2.19
C PRO A 258 2.27 15.37 -3.65
N LYS A 259 2.02 14.39 -4.52
CA LYS A 259 1.91 14.60 -5.96
C LYS A 259 0.44 14.64 -6.34
N GLY A 260 0.13 15.36 -7.41
CA GLY A 260 -1.22 15.38 -7.94
C GLY A 260 -1.63 14.06 -8.56
N VAL A 261 -2.88 14.03 -9.03
CA VAL A 261 -3.45 12.77 -9.52
C VAL A 261 -2.83 12.36 -10.85
N THR A 262 -2.73 13.30 -11.80
CA THR A 262 -2.28 12.93 -13.14
C THR A 262 -1.66 14.14 -13.82
N THR A 263 -1.37 14.00 -15.11
CA THR A 263 -0.86 15.09 -15.92
C THR A 263 -2.03 16.00 -16.32
N SER A 264 -1.78 17.30 -16.38
CA SER A 264 -2.85 18.26 -16.60
C SER A 264 -3.26 18.35 -18.06
N ARG A 265 -4.35 19.07 -18.30
CA ARG A 265 -4.81 19.43 -19.64
C ARG A 265 -5.01 20.94 -19.69
N THR A 266 -5.47 21.43 -20.84
CA THR A 266 -5.78 22.84 -20.98
C THR A 266 -7.27 23.15 -20.95
N GLN A 267 -8.11 22.23 -21.40
CA GLN A 267 -9.55 22.42 -21.26
C GLN A 267 -10.22 21.06 -21.15
N LEU A 268 -11.48 21.08 -20.70
CA LEU A 268 -12.19 19.88 -20.31
C LEU A 268 -12.90 19.20 -21.48
N THR A 269 -12.95 19.83 -22.65
CA THR A 269 -13.53 19.21 -23.83
C THR A 269 -12.43 18.97 -24.86
N ILE A 270 -12.71 18.11 -25.84
CA ILE A 270 -11.77 17.89 -26.92
C ILE A 270 -12.34 18.47 -28.20
N SER A 271 -11.45 18.69 -29.16
CA SER A 271 -11.79 19.22 -30.46
C SER A 271 -10.67 18.86 -31.41
N ASN A 272 -10.77 19.35 -32.64
CA ASN A 272 -9.70 19.11 -33.59
C ASN A 272 -8.49 19.97 -33.27
N SER A 273 -7.35 19.60 -33.86
CA SER A 273 -6.10 20.27 -33.59
C SER A 273 -6.10 21.68 -34.16
N THR A 274 -5.52 22.62 -33.42
CA THR A 274 -5.48 24.02 -33.81
C THR A 274 -4.11 24.45 -34.32
N HIS A 275 -3.31 23.49 -34.80
CA HIS A 275 -1.98 23.80 -35.33
C HIS A 275 -2.05 24.36 -36.74
N VAL A 276 -0.91 24.38 -37.42
CA VAL A 276 -0.53 25.44 -38.37
C VAL A 276 -1.53 25.91 -39.46
N GLU A 277 -1.92 25.08 -40.44
CA GLU A 277 -2.80 25.47 -41.55
C GLU A 277 -3.14 24.27 -42.42
N ASN A 278 -3.91 24.49 -43.46
CA ASN A 278 -4.27 23.43 -44.40
C ASN A 278 -3.10 23.15 -45.34
N SER B 1 -40.26 -5.10 -1.74
CA SER B 1 -39.10 -4.37 -2.26
C SER B 1 -37.82 -4.76 -1.51
N ASP B 2 -36.69 -4.67 -2.19
CA ASP B 2 -35.40 -4.97 -1.59
C ASP B 2 -34.68 -3.73 -1.09
N ARG B 3 -35.40 -2.65 -0.85
CA ARG B 3 -34.82 -1.45 -0.23
C ARG B 3 -34.83 -1.52 1.29
N VAL B 4 -35.40 -2.57 1.87
CA VAL B 4 -35.56 -2.71 3.31
C VAL B 4 -34.60 -3.80 3.79
N ARG B 5 -33.91 -3.53 4.89
CA ARG B 5 -32.95 -4.50 5.41
C ARG B 5 -32.91 -4.43 6.93
N SER B 6 -32.97 -5.58 7.58
CA SER B 6 -32.86 -5.70 9.02
C SER B 6 -31.64 -6.54 9.37
N ILE B 7 -30.83 -6.04 10.29
CA ILE B 7 -29.61 -6.73 10.73
C ILE B 7 -29.69 -6.93 12.23
N THR B 8 -29.70 -8.17 12.67
CA THR B 8 -29.83 -8.51 14.08
C THR B 8 -28.55 -9.18 14.56
N LEU B 9 -27.91 -8.59 15.57
CA LEU B 9 -26.73 -9.19 16.20
C LEU B 9 -26.81 -8.95 17.69
N GLY B 10 -26.73 -10.03 18.47
CA GLY B 10 -26.75 -9.92 19.91
C GLY B 10 -28.07 -9.41 20.44
N ASN B 11 -28.03 -8.23 21.05
CA ASN B 11 -29.24 -7.55 21.50
C ASN B 11 -29.41 -6.18 20.85
N SER B 12 -28.97 -6.03 19.60
CA SER B 12 -29.08 -4.77 18.90
C SER B 12 -29.57 -5.02 17.49
N THR B 13 -30.27 -4.03 16.94
CA THR B 13 -30.97 -4.19 15.68
C THR B 13 -30.90 -2.88 14.91
N ILE B 14 -30.51 -2.95 13.64
CA ILE B 14 -30.49 -1.79 12.76
C ILE B 14 -31.43 -2.05 11.60
N THR B 15 -32.41 -1.17 11.43
CA THR B 15 -33.36 -1.23 10.33
C THR B 15 -33.13 -0.05 9.40
N THR B 16 -33.09 -0.32 8.10
CA THR B 16 -32.97 0.71 7.09
C THR B 16 -34.06 0.57 6.06
N GLN B 17 -34.67 1.69 5.67
CA GLN B 17 -35.71 1.68 4.67
C GLN B 17 -35.25 2.16 3.30
N GLU B 18 -34.06 2.74 3.20
CA GLU B 18 -33.55 3.15 1.90
C GLU B 18 -32.18 2.53 1.65
N SER B 19 -32.06 1.25 1.99
CA SER B 19 -30.85 0.53 1.66
C SER B 19 -30.82 0.22 0.18
N ALA B 20 -29.63 -0.11 -0.33
CA ALA B 20 -29.50 -0.57 -1.71
C ALA B 20 -29.09 -2.02 -1.81
N ASN B 21 -27.92 -2.40 -1.29
CA ASN B 21 -27.51 -3.79 -1.27
C ASN B 21 -26.38 -3.96 -0.27
N VAL B 22 -26.50 -4.96 0.60
CA VAL B 22 -25.42 -5.33 1.53
C VAL B 22 -24.27 -6.02 0.83
N VAL B 23 -23.10 -5.43 0.92
CA VAL B 23 -21.84 -6.03 0.49
C VAL B 23 -21.35 -6.96 1.60
N VAL B 24 -20.79 -8.11 1.22
CA VAL B 24 -20.12 -8.99 2.17
C VAL B 24 -18.74 -9.29 1.59
N GLY B 25 -17.72 -8.62 2.12
CA GLY B 25 -16.33 -9.02 2.04
C GLY B 25 -15.72 -9.29 0.68
N TYR B 26 -14.64 -10.07 0.68
CA TYR B 26 -14.07 -10.69 -0.50
C TYR B 26 -14.77 -11.98 -0.90
N GLY B 27 -16.07 -12.13 -0.64
CA GLY B 27 -16.76 -13.36 -0.85
C GLY B 27 -16.79 -14.27 0.35
N VAL B 28 -16.02 -13.95 1.38
CA VAL B 28 -15.88 -14.78 2.57
C VAL B 28 -16.69 -14.17 3.70
N TRP B 29 -17.44 -15.00 4.41
CA TRP B 29 -18.22 -14.73 5.62
C TRP B 29 -17.35 -15.04 6.84
N PRO B 30 -17.47 -14.25 7.91
CA PRO B 30 -16.60 -14.46 9.07
C PRO B 30 -16.95 -15.74 9.82
N ASP B 31 -15.91 -16.42 10.31
CA ASP B 31 -16.08 -17.72 10.92
C ASP B 31 -14.93 -17.95 11.88
N TYR B 32 -15.17 -18.81 12.87
CA TYR B 32 -14.17 -19.10 13.89
C TYR B 32 -13.01 -19.88 13.30
N LEU B 33 -11.88 -19.80 13.97
CA LEU B 33 -10.66 -20.45 13.51
C LEU B 33 -10.77 -21.96 13.68
N SER B 34 -10.54 -22.67 12.58
CA SER B 34 -10.53 -24.12 12.62
C SER B 34 -9.29 -24.62 13.34
N ASP B 35 -9.34 -25.87 13.79
CA ASP B 35 -8.24 -26.46 14.53
C ASP B 35 -7.24 -27.16 13.61
N GLU B 36 -7.35 -26.95 12.30
CA GLU B 36 -6.32 -27.37 11.37
C GLU B 36 -5.39 -26.23 10.97
N GLU B 37 -5.79 -24.98 11.22
CA GLU B 37 -4.97 -23.82 10.96
C GLU B 37 -4.55 -23.11 12.24
N ALA B 38 -4.84 -23.67 13.40
CA ALA B 38 -4.59 -22.98 14.65
C ALA B 38 -3.14 -23.19 15.10
N THR B 39 -2.65 -22.23 15.86
CA THR B 39 -1.28 -22.25 16.36
C THR B 39 -1.22 -22.35 17.87
N ALA B 40 -2.00 -21.55 18.59
CA ALA B 40 -2.01 -21.60 20.05
C ALA B 40 -2.69 -22.87 20.54
N GLU B 41 -2.34 -23.29 21.74
CA GLU B 41 -2.70 -24.61 22.24
C GLU B 41 -3.81 -24.62 23.29
N ASP B 42 -3.99 -23.56 24.05
CA ASP B 42 -5.01 -23.60 25.09
C ASP B 42 -6.38 -23.24 24.53
N GLN B 43 -7.41 -23.48 25.34
CA GLN B 43 -8.79 -23.37 24.88
C GLN B 43 -9.17 -21.92 24.65
N PRO B 44 -9.60 -21.55 23.46
CA PRO B 44 -9.98 -20.15 23.21
C PRO B 44 -11.28 -19.80 23.90
N THR B 45 -11.48 -18.50 24.06
CA THR B 45 -12.69 -17.96 24.68
C THR B 45 -13.55 -17.37 23.57
N GLN B 46 -14.56 -18.11 23.15
CA GLN B 46 -15.60 -17.51 22.33
C GLN B 46 -16.62 -17.01 23.33
N PRO B 47 -16.63 -15.71 23.66
CA PRO B 47 -17.33 -15.26 24.88
C PRO B 47 -18.83 -15.50 24.91
N ASP B 48 -19.60 -14.80 24.06
CA ASP B 48 -21.05 -14.86 24.08
C ASP B 48 -21.54 -14.04 22.90
N VAL B 49 -22.82 -13.66 22.92
CA VAL B 49 -23.28 -12.46 22.25
C VAL B 49 -22.86 -11.18 22.96
N ALA B 50 -22.11 -11.27 24.06
CA ALA B 50 -21.67 -10.11 24.84
C ALA B 50 -20.71 -9.19 24.09
N THR B 51 -20.03 -9.68 23.05
CA THR B 51 -19.19 -8.84 22.22
C THR B 51 -19.69 -8.72 20.79
N CYS B 52 -20.40 -9.72 20.27
CA CYS B 52 -20.89 -9.67 18.90
C CYS B 52 -22.21 -8.89 18.87
N ARG B 53 -22.07 -7.56 18.91
CA ARG B 53 -23.21 -6.66 18.90
C ARG B 53 -22.76 -5.30 18.41
N PHE B 54 -23.73 -4.47 18.03
CA PHE B 54 -23.42 -3.17 17.46
C PHE B 54 -23.01 -2.16 18.52
N TYR B 55 -21.94 -1.43 18.23
CA TYR B 55 -21.45 -0.35 19.06
C TYR B 55 -21.44 0.92 18.23
N THR B 56 -21.89 2.03 18.81
CA THR B 56 -22.03 3.29 18.10
C THR B 56 -20.82 4.16 18.38
N LEU B 57 -20.14 4.60 17.33
CA LEU B 57 -19.01 5.51 17.48
C LEU B 57 -19.55 6.93 17.52
N ASP B 58 -18.66 7.92 17.65
CA ASP B 58 -19.11 9.30 17.66
C ASP B 58 -19.48 9.76 16.26
N SER B 59 -20.24 10.85 16.20
CA SER B 59 -20.71 11.40 14.94
C SER B 59 -19.82 12.55 14.51
N VAL B 60 -19.57 12.63 13.21
CA VAL B 60 -18.89 13.77 12.62
C VAL B 60 -19.90 14.57 11.83
N SER B 61 -19.67 15.88 11.75
CA SER B 61 -20.56 16.78 11.04
C SER B 61 -19.99 17.01 9.65
N TRP B 62 -20.80 16.76 8.62
CA TRP B 62 -20.39 16.89 7.22
C TRP B 62 -20.80 18.26 6.70
N MET B 63 -19.82 19.15 6.56
CA MET B 63 -20.01 20.52 6.14
C MET B 63 -19.77 20.64 4.65
N LYS B 64 -19.84 21.87 4.13
CA LYS B 64 -19.62 22.04 2.70
C LYS B 64 -18.17 21.85 2.31
N GLU B 65 -17.23 22.19 3.20
CA GLU B 65 -15.81 22.10 2.88
C GLU B 65 -15.07 21.05 3.70
N SER B 66 -15.78 20.03 4.16
CA SER B 66 -15.13 18.91 4.82
C SER B 66 -14.45 18.05 3.78
N GLN B 67 -13.43 17.32 4.22
CA GLN B 67 -12.57 16.59 3.31
C GLN B 67 -12.59 15.08 3.49
N GLY B 68 -12.60 14.58 4.70
CA GLY B 68 -12.53 13.15 4.92
C GLY B 68 -12.28 12.81 6.36
N TRP B 69 -12.56 11.56 6.71
CA TRP B 69 -12.41 11.07 8.07
C TRP B 69 -11.82 9.66 8.04
N TRP B 70 -11.11 9.27 9.10
CA TRP B 70 -10.72 7.86 9.18
C TRP B 70 -10.70 7.35 10.60
N TRP B 71 -10.80 6.02 10.73
CA TRP B 71 -10.78 5.33 12.01
C TRP B 71 -9.86 4.11 11.91
N LYS B 72 -9.53 3.53 13.06
CA LYS B 72 -8.64 2.38 13.16
C LYS B 72 -9.28 1.34 14.04
N PHE B 73 -9.88 0.30 13.45
CA PHE B 73 -10.91 -0.43 14.20
C PHE B 73 -10.58 -1.43 15.30
N PRO B 74 -9.50 -2.21 15.27
CA PRO B 74 -9.17 -2.94 16.50
C PRO B 74 -8.75 -2.02 17.63
N ASP B 75 -8.31 -0.79 17.32
CA ASP B 75 -8.06 0.22 18.34
C ASP B 75 -9.27 1.12 18.61
N ALA B 76 -10.18 1.31 17.66
CA ALA B 76 -11.30 2.21 17.90
C ALA B 76 -12.33 1.58 18.83
N LEU B 77 -12.46 0.27 18.79
CA LEU B 77 -13.32 -0.46 19.72
C LEU B 77 -12.55 -0.86 20.97
N ARG B 78 -11.92 0.08 21.66
CA ARG B 78 -11.13 -0.29 22.82
C ARG B 78 -11.81 0.02 24.14
N ASP B 79 -12.89 0.81 24.11
CA ASP B 79 -13.61 1.17 25.33
C ASP B 79 -15.10 0.85 25.22
N MET B 80 -15.48 -0.02 24.30
CA MET B 80 -16.88 -0.34 24.10
C MET B 80 -17.25 -1.59 24.87
N GLY B 81 -17.19 -1.49 26.20
CA GLY B 81 -17.66 -2.57 27.03
C GLY B 81 -16.76 -3.80 27.01
N LEU B 82 -17.41 -4.96 26.91
CA LEU B 82 -16.72 -6.24 27.07
C LEU B 82 -15.80 -6.57 25.91
N PHE B 83 -16.01 -5.97 24.74
CA PHE B 83 -15.02 -6.08 23.68
C PHE B 83 -13.72 -5.40 24.10
N GLY B 84 -13.84 -4.20 24.68
CA GLY B 84 -12.68 -3.51 25.19
C GLY B 84 -12.01 -4.22 26.34
N GLN B 85 -12.80 -4.86 27.21
CA GLN B 85 -12.20 -5.56 28.34
C GLN B 85 -11.51 -6.85 27.91
N ASN B 86 -12.15 -7.61 27.03
CA ASN B 86 -11.53 -8.81 26.50
C ASN B 86 -10.32 -8.49 25.62
N MET B 87 -10.30 -7.29 25.00
CA MET B 87 -9.05 -6.80 24.45
C MET B 87 -8.01 -6.55 25.52
N GLN B 88 -8.41 -6.04 26.69
CA GLN B 88 -7.38 -5.64 27.65
C GLN B 88 -6.88 -6.77 28.51
N TYR B 89 -7.54 -7.92 28.56
CA TYR B 89 -7.02 -9.02 29.36
C TYR B 89 -6.41 -10.15 28.54
N HIS B 90 -6.60 -10.17 27.23
CA HIS B 90 -6.07 -11.25 26.42
C HIS B 90 -4.88 -10.78 25.59
N TYR B 91 -4.03 -11.74 25.22
CA TYR B 91 -2.87 -11.47 24.40
C TYR B 91 -3.19 -11.55 22.91
N LEU B 92 -3.92 -12.57 22.49
CA LEU B 92 -4.32 -12.74 21.11
C LEU B 92 -5.81 -12.46 20.96
N GLY B 93 -6.20 -12.05 19.76
CA GLY B 93 -7.61 -11.89 19.46
C GLY B 93 -7.81 -12.04 17.97
N ARG B 94 -9.08 -12.20 17.59
CA ARG B 94 -9.43 -12.45 16.20
C ARG B 94 -10.90 -12.19 15.94
N SER B 95 -11.23 -11.33 14.99
CA SER B 95 -12.63 -11.01 14.78
C SER B 95 -12.86 -10.45 13.38
N GLY B 96 -14.00 -10.80 12.80
CA GLY B 96 -14.55 -10.07 11.68
C GLY B 96 -15.38 -8.90 12.17
N TYR B 97 -15.87 -8.09 11.23
CA TYR B 97 -16.60 -6.90 11.58
C TYR B 97 -17.73 -6.63 10.59
N THR B 98 -18.84 -6.08 11.10
CA THR B 98 -19.94 -5.60 10.26
C THR B 98 -20.14 -4.11 10.52
N ILE B 99 -19.72 -3.29 9.56
CA ILE B 99 -19.71 -1.84 9.70
C ILE B 99 -20.95 -1.27 9.02
N HIS B 100 -21.72 -0.45 9.72
CA HIS B 100 -22.92 0.15 9.17
C HIS B 100 -22.81 1.66 9.37
N VAL B 101 -22.64 2.39 8.28
CA VAL B 101 -22.46 3.84 8.35
C VAL B 101 -23.76 4.50 7.95
N GLN B 102 -24.27 5.37 8.82
CA GLN B 102 -25.50 6.10 8.57
C GLN B 102 -25.20 7.51 8.13
N CYS B 103 -26.09 8.05 7.31
CA CYS B 103 -26.13 9.45 6.89
C CYS B 103 -27.44 9.65 6.17
N ASN B 104 -28.18 10.69 6.52
CA ASN B 104 -29.43 10.93 5.83
C ASN B 104 -29.57 12.40 5.47
N ALA B 105 -30.39 12.66 4.46
CA ALA B 105 -30.71 14.01 4.05
C ALA B 105 -32.11 13.98 3.46
N SER B 106 -32.51 15.07 2.84
CA SER B 106 -33.78 15.13 2.14
C SER B 106 -33.55 14.92 0.66
N LYS B 107 -34.63 14.97 -0.11
CA LYS B 107 -34.50 14.79 -1.55
C LYS B 107 -33.98 16.03 -2.26
N PHE B 108 -33.95 17.18 -1.59
CA PHE B 108 -33.41 18.41 -2.16
C PHE B 108 -31.92 18.59 -1.91
N HIS B 109 -31.27 17.65 -1.25
CA HIS B 109 -29.84 17.70 -1.03
C HIS B 109 -29.09 16.94 -2.11
N GLN B 110 -27.80 17.20 -2.20
CA GLN B 110 -26.97 16.47 -3.14
C GLN B 110 -25.59 16.31 -2.54
N GLY B 111 -24.90 15.26 -2.93
CA GLY B 111 -23.59 14.95 -2.40
C GLY B 111 -23.40 13.44 -2.35
N CYS B 112 -22.14 13.03 -2.44
CA CYS B 112 -21.80 11.61 -2.54
C CYS B 112 -20.62 11.28 -1.65
N LEU B 113 -20.72 10.17 -0.92
CA LEU B 113 -19.67 9.70 -0.03
C LEU B 113 -19.09 8.41 -0.57
N LEU B 114 -17.84 8.15 -0.22
CA LEU B 114 -17.17 6.88 -0.50
C LEU B 114 -16.79 6.23 0.82
N VAL B 115 -17.21 4.99 1.03
CA VAL B 115 -16.97 4.28 2.28
C VAL B 115 -16.14 3.05 1.96
N VAL B 116 -14.86 3.08 2.30
CA VAL B 116 -13.94 1.98 2.00
C VAL B 116 -13.42 1.40 3.31
N CYS B 117 -13.15 0.10 3.30
CA CYS B 117 -12.40 -0.57 4.35
C CYS B 117 -11.05 -0.95 3.76
N VAL B 118 -9.98 -0.34 4.25
CA VAL B 118 -8.67 -0.48 3.65
C VAL B 118 -7.81 -1.32 4.59
N PRO B 119 -7.49 -2.57 4.25
CA PRO B 119 -6.61 -3.35 5.10
C PRO B 119 -5.18 -2.85 5.04
N GLU B 120 -4.56 -2.76 6.22
CA GLU B 120 -3.14 -2.46 6.39
C GLU B 120 -2.77 -1.09 5.83
N ALA B 121 -3.60 -0.09 6.13
CA ALA B 121 -3.42 1.26 5.60
C ALA B 121 -2.27 1.93 6.37
N GLU B 122 -1.06 1.68 5.90
CA GLU B 122 0.13 2.20 6.54
C GLU B 122 0.28 3.68 6.18
N MET B 123 0.02 4.56 7.15
CA MET B 123 -0.01 6.00 6.92
C MET B 123 1.39 6.58 6.79
N GLY B 124 1.49 7.67 6.04
CA GLY B 124 2.75 8.37 5.87
C GLY B 124 2.82 9.64 6.70
N ALA B 125 4.04 10.02 7.06
CA ALA B 125 4.26 11.16 7.94
C ALA B 125 4.25 12.46 7.16
N ALA B 126 3.98 13.56 7.87
CA ALA B 126 3.83 14.86 7.22
C ALA B 126 5.19 15.40 6.78
N ASN B 127 6.07 15.71 7.72
CA ASN B 127 7.47 15.87 7.41
C ASN B 127 8.06 14.48 7.27
N ILE B 128 9.01 14.33 6.36
CA ILE B 128 9.28 13.03 5.75
C ILE B 128 9.98 12.10 6.74
N ASN B 129 11.18 12.46 7.16
CA ASN B 129 11.99 11.54 7.96
C ASN B 129 11.79 11.85 9.45
N GLU B 130 10.58 11.56 9.92
CA GLU B 130 10.21 11.90 11.28
C GLU B 130 9.17 10.89 11.78
N LYS B 131 9.23 10.61 13.08
CA LYS B 131 8.35 9.64 13.70
C LYS B 131 6.91 10.14 13.73
N ILE B 132 5.98 9.20 13.88
CA ILE B 132 4.56 9.50 13.96
C ILE B 132 4.10 9.15 15.37
N ASN B 133 3.34 10.05 15.99
CA ASN B 133 2.79 9.76 17.30
C ASN B 133 1.54 8.90 17.16
N ARG B 134 1.26 8.12 18.21
CA ARG B 134 0.13 7.19 18.17
C ARG B 134 -1.21 7.90 18.20
N GLU B 135 -1.26 9.13 18.70
CA GLU B 135 -2.51 9.85 18.80
C GLU B 135 -2.95 10.40 17.46
N HIS B 136 -2.00 10.67 16.57
CA HIS B 136 -2.31 11.19 15.25
C HIS B 136 -2.74 10.10 14.29
N LEU B 137 -2.38 8.84 14.56
CA LEU B 137 -2.91 7.75 13.76
C LEU B 137 -4.32 7.39 14.20
N SER B 138 -4.46 6.96 15.46
CA SER B 138 -5.72 6.48 15.98
C SER B 138 -6.07 7.26 17.23
N ASN B 139 -7.26 7.86 17.25
CA ASN B 139 -7.71 8.68 18.36
C ASN B 139 -8.91 8.04 19.05
N GLY B 140 -8.91 6.71 19.13
CA GLY B 140 -10.00 6.00 19.78
C GLY B 140 -11.26 6.01 18.95
N GLU B 141 -12.35 6.46 19.55
CA GLU B 141 -13.61 6.61 18.84
C GLU B 141 -13.73 7.92 18.09
N VAL B 142 -12.70 8.77 18.12
CA VAL B 142 -12.75 10.10 17.53
C VAL B 142 -12.06 10.07 16.18
N ALA B 143 -12.71 10.63 15.16
CA ALA B 143 -12.19 10.58 13.80
C ALA B 143 -11.08 11.60 13.59
N ASN B 144 -10.06 11.19 12.85
CA ASN B 144 -9.03 12.10 12.38
C ASN B 144 -9.43 12.59 11.00
N THR B 145 -8.98 13.80 10.65
CA THR B 145 -9.55 14.50 9.51
C THR B 145 -8.46 14.77 8.50
N PHE B 146 -8.70 14.38 7.25
CA PHE B 146 -7.82 14.75 6.14
C PHE B 146 -7.88 16.26 5.89
N SER B 147 -7.02 16.74 4.99
CA SER B 147 -7.09 18.13 4.57
C SER B 147 -7.12 18.19 3.05
N GLY B 148 -7.20 19.40 2.52
CA GLY B 148 -7.20 19.58 1.08
C GLY B 148 -5.82 19.86 0.56
N THR B 149 -5.12 20.79 1.21
CA THR B 149 -3.74 21.09 0.92
C THR B 149 -2.85 20.19 1.80
N LYS B 150 -1.57 20.08 1.43
CA LYS B 150 -0.64 19.29 2.21
C LYS B 150 -0.42 19.90 3.60
N SER B 151 -0.22 19.03 4.57
CA SER B 151 -0.10 19.42 5.97
C SER B 151 1.33 19.27 6.44
N SER B 152 1.71 20.07 7.43
CA SER B 152 3.08 20.04 7.92
C SER B 152 3.15 20.15 9.44
N ASN B 153 2.17 19.59 10.15
CA ASN B 153 2.26 19.52 11.60
C ASN B 153 3.32 18.51 11.99
N THR B 154 4.07 18.82 13.06
CA THR B 154 5.13 17.94 13.50
C THR B 154 4.55 16.67 14.12
N ASN B 155 5.16 15.53 13.77
CA ASN B 155 4.77 14.19 14.22
C ASN B 155 3.31 13.89 13.86
N ASP B 156 2.93 14.22 12.63
CA ASP B 156 1.56 14.08 12.17
C ASP B 156 1.55 13.32 10.85
N VAL B 157 0.38 12.80 10.50
CA VAL B 157 0.19 12.11 9.23
C VAL B 157 0.08 13.14 8.12
N GLN B 158 0.74 12.89 7.00
CA GLN B 158 0.49 13.63 5.77
C GLN B 158 -0.94 13.41 5.33
N GLN B 159 -1.79 14.43 5.44
CA GLN B 159 -3.22 14.26 5.28
C GLN B 159 -3.74 15.13 4.13
N ALA B 160 -3.57 14.63 2.92
CA ALA B 160 -4.15 15.21 1.72
C ALA B 160 -5.14 14.23 1.13
N VAL B 161 -6.29 14.73 0.70
CA VAL B 161 -7.34 13.84 0.19
C VAL B 161 -6.95 13.25 -1.14
N PHE B 162 -6.19 13.97 -1.95
CA PHE B 162 -5.79 13.44 -3.24
C PHE B 162 -4.67 12.42 -3.16
N ASN B 163 -4.22 12.05 -1.97
CA ASN B 163 -3.33 10.92 -1.80
C ASN B 163 -3.77 9.94 -0.73
N ALA B 164 -4.81 10.26 0.05
CA ALA B 164 -5.43 9.40 1.05
C ALA B 164 -4.46 8.92 2.13
N GLY B 165 -3.39 9.65 2.38
CA GLY B 165 -2.47 9.31 3.45
C GLY B 165 -1.45 8.25 3.12
N MET B 166 -1.80 7.29 2.27
CA MET B 166 -0.92 6.18 1.97
C MET B 166 0.03 6.47 0.83
N GLY B 167 -0.39 7.28 -0.13
CA GLY B 167 0.46 7.66 -1.24
C GLY B 167 0.02 7.10 -2.56
N VAL B 168 -1.27 6.87 -2.73
CA VAL B 168 -1.83 6.38 -3.99
C VAL B 168 -2.84 7.39 -4.49
N ALA B 169 -3.31 7.18 -5.71
CA ALA B 169 -4.39 7.99 -6.23
C ALA B 169 -5.68 7.59 -5.53
N VAL B 170 -6.44 8.60 -5.09
CA VAL B 170 -7.63 8.32 -4.29
C VAL B 170 -8.76 7.77 -5.13
N GLY B 171 -8.72 7.95 -6.45
CA GLY B 171 -9.68 7.31 -7.31
C GLY B 171 -9.44 5.84 -7.54
N ASN B 172 -8.32 5.32 -7.06
CA ASN B 172 -8.01 3.91 -7.14
C ASN B 172 -8.39 3.13 -5.88
N LEU B 173 -8.94 3.80 -4.87
CA LEU B 173 -9.36 3.12 -3.65
C LEU B 173 -10.62 2.28 -3.79
N THR B 174 -11.20 2.14 -4.97
CA THR B 174 -12.36 1.29 -5.17
C THR B 174 -12.00 -0.15 -5.44
N ILE B 175 -10.77 -0.55 -5.15
CA ILE B 175 -10.38 -1.95 -5.25
C ILE B 175 -10.66 -2.71 -3.96
N PHE B 176 -10.78 -2.01 -2.85
CA PHE B 176 -11.11 -2.61 -1.55
C PHE B 176 -12.62 -2.76 -1.45
N PRO B 177 -13.13 -3.55 -0.50
CA PRO B 177 -14.60 -3.64 -0.33
C PRO B 177 -15.20 -2.29 0.04
N HIS B 178 -16.14 -1.83 -0.77
CA HIS B 178 -16.60 -0.47 -0.64
C HIS B 178 -18.05 -0.35 -1.06
N GLN B 179 -18.65 0.79 -0.70
CA GLN B 179 -19.90 1.25 -1.30
C GLN B 179 -19.85 2.76 -1.42
N TRP B 180 -20.93 3.31 -1.92
CA TRP B 180 -21.12 4.74 -2.04
C TRP B 180 -22.36 5.11 -1.25
N ILE B 181 -22.28 6.18 -0.48
CA ILE B 181 -23.47 6.76 0.12
C ILE B 181 -23.81 7.93 -0.77
N ASN B 182 -24.59 7.66 -1.80
CA ASN B 182 -25.21 8.72 -2.56
C ASN B 182 -26.46 9.15 -1.81
N LEU B 183 -26.55 10.43 -1.46
CA LEU B 183 -27.71 10.95 -0.74
C LEU B 183 -28.97 10.93 -1.58
N ARG B 184 -28.84 10.73 -2.88
CA ARG B 184 -30.00 10.53 -3.73
C ARG B 184 -30.68 9.21 -3.43
N THR B 185 -29.90 8.16 -3.14
CA THR B 185 -30.49 6.82 -3.06
C THR B 185 -29.92 5.86 -2.02
N ASN B 186 -29.05 6.28 -1.10
CA ASN B 186 -28.42 5.32 -0.20
C ASN B 186 -28.54 5.70 1.26
N ASN B 187 -28.51 4.66 2.10
CA ASN B 187 -28.00 4.81 3.45
C ASN B 187 -27.25 3.55 3.89
N CYS B 188 -26.97 2.61 3.01
CA CYS B 188 -26.60 1.26 3.38
C CYS B 188 -25.11 0.99 3.33
N ALA B 189 -24.26 1.81 3.94
CA ALA B 189 -22.83 1.50 3.85
C ALA B 189 -22.50 0.33 4.78
N THR B 190 -22.86 -0.87 4.31
CA THR B 190 -22.66 -2.09 5.06
C THR B 190 -21.61 -2.94 4.38
N ILE B 191 -20.59 -3.32 5.14
CA ILE B 191 -19.40 -4.00 4.63
C ILE B 191 -19.04 -5.05 5.68
N VAL B 192 -19.11 -6.32 5.31
CA VAL B 192 -18.86 -7.40 6.26
C VAL B 192 -17.44 -7.89 6.01
N MET B 193 -16.48 -7.32 6.76
CA MET B 193 -15.09 -7.72 6.60
C MET B 193 -14.82 -9.06 7.27
N PRO B 194 -14.19 -9.99 6.59
CA PRO B 194 -13.61 -11.16 7.26
C PRO B 194 -12.28 -10.76 7.89
N TYR B 195 -11.69 -11.69 8.62
CA TYR B 195 -10.38 -11.46 9.24
C TYR B 195 -9.29 -11.63 8.20
N ILE B 196 -8.49 -10.59 7.99
CA ILE B 196 -7.45 -10.59 6.98
C ILE B 196 -6.13 -10.26 7.65
N ASN B 197 -5.28 -11.27 7.80
CA ASN B 197 -3.95 -11.09 8.36
C ASN B 197 -3.13 -12.29 7.91
N SER B 198 -1.82 -12.21 8.12
CA SER B 198 -0.89 -13.25 7.70
C SER B 198 -0.52 -14.18 8.84
N VAL B 199 -1.16 -14.01 10.00
CA VAL B 199 -1.05 -14.95 11.13
C VAL B 199 -2.45 -15.28 11.61
N PRO B 200 -2.66 -16.50 12.10
CA PRO B 200 -4.05 -16.93 12.37
C PRO B 200 -4.71 -16.19 13.52
N MET B 201 -3.96 -15.73 14.51
CA MET B 201 -4.48 -14.82 15.52
C MET B 201 -3.44 -13.74 15.77
N ASP B 202 -3.90 -12.58 16.23
CA ASP B 202 -2.99 -11.45 16.33
C ASP B 202 -3.36 -10.61 17.55
N ASN B 203 -2.44 -9.73 17.92
CA ASN B 203 -2.65 -8.83 19.04
C ASN B 203 -3.52 -7.65 18.61
N MET B 204 -4.36 -7.18 19.53
CA MET B 204 -5.31 -6.13 19.21
C MET B 204 -4.68 -4.74 19.30
N PHE B 205 -3.84 -4.50 20.30
CA PHE B 205 -3.26 -3.17 20.48
C PHE B 205 -2.07 -2.92 19.58
N ARG B 206 -1.20 -3.91 19.42
CA ARG B 206 0.03 -3.71 18.68
C ARG B 206 -0.20 -3.63 17.18
N HIS B 207 -1.25 -4.25 16.66
CA HIS B 207 -1.51 -4.28 15.23
C HIS B 207 -2.88 -3.68 14.93
N TYR B 208 -2.92 -2.80 13.92
CA TYR B 208 -4.17 -2.26 13.39
C TYR B 208 -4.56 -3.08 12.16
N ASN B 209 -5.78 -3.59 12.15
CA ASN B 209 -6.18 -4.51 11.08
C ASN B 209 -6.54 -3.74 9.82
N PHE B 210 -7.42 -2.75 9.92
CA PHE B 210 -7.82 -2.00 8.75
C PHE B 210 -8.24 -0.60 9.15
N THR B 211 -8.69 0.17 8.16
CA THR B 211 -8.97 1.59 8.31
C THR B 211 -10.22 1.92 7.52
N LEU B 212 -11.24 2.41 8.19
CA LEU B 212 -12.43 2.91 7.51
C LEU B 212 -12.14 4.31 7.02
N MET B 213 -12.57 4.64 5.82
CA MET B 213 -12.43 6.00 5.31
C MET B 213 -13.73 6.46 4.69
N ILE B 214 -14.14 7.68 5.01
CA ILE B 214 -15.32 8.30 4.43
C ILE B 214 -14.82 9.53 3.70
N ILE B 215 -14.76 9.46 2.38
CA ILE B 215 -14.23 10.53 1.56
C ILE B 215 -15.35 11.02 0.65
N PRO B 216 -15.80 12.27 0.79
CA PRO B 216 -16.83 12.80 -0.12
C PRO B 216 -16.22 13.27 -1.42
N PHE B 217 -16.58 12.60 -2.52
CA PHE B 217 -16.08 13.02 -3.82
C PHE B 217 -16.92 14.15 -4.39
N ALA B 218 -18.22 13.94 -4.52
CA ALA B 218 -19.14 15.01 -4.90
C ALA B 218 -19.62 15.63 -3.61
N LYS B 219 -19.22 16.88 -3.38
CA LYS B 219 -19.36 17.48 -2.06
C LYS B 219 -20.82 17.74 -1.74
N LEU B 220 -21.08 17.87 -0.45
CA LEU B 220 -22.40 18.23 0.05
C LEU B 220 -22.71 19.65 -0.38
N ASP B 221 -23.89 19.82 -0.95
CA ASP B 221 -24.28 21.12 -1.50
C ASP B 221 -25.80 21.19 -1.47
N TYR B 222 -26.32 22.32 -1.04
CA TYR B 222 -27.75 22.46 -0.81
C TYR B 222 -28.17 23.91 -1.04
N ALA B 223 -29.45 24.11 -1.26
CA ALA B 223 -29.97 25.45 -1.41
C ALA B 223 -30.27 26.06 -0.04
N ALA B 224 -30.45 27.38 -0.03
CA ALA B 224 -30.66 28.10 1.22
C ALA B 224 -32.05 27.81 1.78
N GLY B 225 -32.09 27.45 3.05
CA GLY B 225 -33.32 27.07 3.72
C GLY B 225 -33.35 25.65 4.22
N SER B 226 -32.59 24.75 3.60
CA SER B 226 -32.57 23.36 4.05
C SER B 226 -31.74 23.25 5.32
N SER B 227 -31.82 22.08 5.95
CA SER B 227 -31.08 21.84 7.18
C SER B 227 -29.61 21.75 6.88
N THR B 228 -28.83 22.62 7.49
CA THR B 228 -27.41 22.72 7.21
C THR B 228 -26.58 21.72 8.00
N TYR B 229 -27.12 21.18 9.09
CA TYR B 229 -26.38 20.23 9.92
C TYR B 229 -26.73 18.83 9.49
N ILE B 230 -25.79 18.15 8.86
CA ILE B 230 -25.98 16.77 8.42
C ILE B 230 -24.95 15.89 9.11
N PRO B 231 -25.32 15.12 10.12
CA PRO B 231 -24.35 14.27 10.80
C PRO B 231 -24.13 12.96 10.07
N ILE B 232 -23.01 12.33 10.39
CA ILE B 232 -22.67 10.99 9.90
C ILE B 232 -22.32 10.13 11.10
N THR B 233 -23.03 9.02 11.27
CA THR B 233 -22.83 8.13 12.41
C THR B 233 -22.32 6.79 11.91
N VAL B 234 -21.28 6.27 12.56
CA VAL B 234 -20.68 4.99 12.18
C VAL B 234 -20.97 3.99 13.27
N THR B 235 -21.60 2.88 12.90
CA THR B 235 -21.91 1.82 13.84
C THR B 235 -21.17 0.56 13.40
N VAL B 236 -20.55 -0.13 14.34
CA VAL B 236 -19.69 -1.27 14.02
C VAL B 236 -19.97 -2.39 14.99
N ALA B 237 -20.02 -3.62 14.47
CA ALA B 237 -20.21 -4.79 15.29
C ALA B 237 -19.14 -5.81 14.97
N PRO B 238 -18.44 -6.30 15.96
CA PRO B 238 -17.53 -7.43 15.74
C PRO B 238 -18.33 -8.71 15.53
N MET B 239 -17.76 -9.62 14.77
CA MET B 239 -18.41 -10.88 14.46
C MET B 239 -17.41 -12.02 14.64
N CYS B 240 -17.90 -13.11 15.23
CA CYS B 240 -17.17 -14.37 15.41
C CYS B 240 -15.87 -14.16 16.19
N ALA B 241 -15.93 -13.30 17.20
CA ALA B 241 -14.74 -12.93 17.94
C ALA B 241 -14.35 -14.03 18.93
N GLU B 242 -13.05 -14.26 19.05
CA GLU B 242 -12.55 -15.19 20.06
C GLU B 242 -11.18 -14.74 20.54
N TYR B 243 -10.82 -15.19 21.74
CA TYR B 243 -9.69 -14.66 22.47
C TYR B 243 -8.91 -15.81 23.07
N ASN B 244 -7.63 -15.56 23.36
CA ASN B 244 -6.71 -16.63 23.72
C ASN B 244 -5.54 -16.00 24.46
N GLY B 245 -4.98 -16.75 25.40
CA GLY B 245 -3.87 -16.21 26.17
C GLY B 245 -4.27 -15.17 27.19
N LEU B 246 -4.91 -15.62 28.26
CA LEU B 246 -5.34 -14.71 29.33
C LEU B 246 -4.16 -14.34 30.23
N ARG B 247 -4.03 -13.05 30.50
CA ARG B 247 -3.07 -12.56 31.50
C ARG B 247 -3.68 -11.30 32.13
N LEU B 248 -2.88 -10.58 32.91
CA LEU B 248 -3.34 -9.40 33.64
C LEU B 248 -3.69 -8.25 32.70
N ALA B 249 -4.15 -7.15 33.30
CA ALA B 249 -4.73 -6.05 32.54
C ALA B 249 -3.69 -5.33 31.69
N GLY B 250 -4.08 -4.99 30.47
CA GLY B 250 -3.13 -4.62 29.44
C GLY B 250 -2.67 -3.18 29.44
N HIS B 251 -2.41 -2.66 28.24
CA HIS B 251 -1.87 -1.32 28.05
C HIS B 251 -2.97 -0.37 27.63
N GLN B 252 -3.32 0.56 28.51
CA GLN B 252 -4.27 1.61 28.18
C GLN B 252 -3.55 2.87 27.73
N GLY C 1 32.54 -40.25 -18.73
CA GLY C 1 32.98 -40.05 -20.10
C GLY C 1 31.83 -39.99 -21.08
N LEU C 2 31.18 -38.86 -21.16
CA LEU C 2 30.12 -38.69 -22.14
C LEU C 2 30.54 -37.63 -23.15
N PRO C 3 30.31 -37.84 -24.45
CA PRO C 3 30.69 -36.83 -25.43
C PRO C 3 29.68 -35.69 -25.42
N VAL C 4 30.10 -34.53 -24.93
CA VAL C 4 29.21 -33.39 -24.76
C VAL C 4 29.78 -32.20 -25.52
N MET C 5 28.95 -31.59 -26.34
CA MET C 5 29.29 -30.41 -27.13
C MET C 5 28.54 -29.22 -26.55
N ASN C 6 29.28 -28.19 -26.13
CA ASN C 6 28.62 -27.01 -25.59
C ASN C 6 28.08 -26.16 -26.73
N THR C 7 26.83 -25.76 -26.62
CA THR C 7 26.15 -24.97 -27.62
C THR C 7 26.34 -23.48 -27.35
N PRO C 8 26.14 -22.61 -28.33
CA PRO C 8 26.18 -21.18 -28.05
C PRO C 8 25.02 -20.77 -27.15
N GLY C 9 25.28 -19.77 -26.33
CA GLY C 9 24.39 -19.45 -25.24
C GLY C 9 24.73 -20.12 -23.94
N SER C 10 25.91 -20.72 -23.85
CA SER C 10 26.39 -21.25 -22.58
C SER C 10 27.02 -20.12 -21.76
N ASN C 11 26.94 -20.28 -20.43
CA ASN C 11 27.59 -19.40 -19.46
C ASN C 11 27.12 -17.95 -19.55
N GLN C 12 25.89 -17.74 -19.97
CA GLN C 12 25.27 -16.43 -19.92
C GLN C 12 24.29 -16.35 -18.77
N PHE C 13 23.83 -15.15 -18.48
CA PHE C 13 22.77 -14.92 -17.51
C PHE C 13 21.65 -14.16 -18.18
N LEU C 14 20.59 -14.88 -18.53
CA LEU C 14 19.40 -14.31 -19.15
C LEU C 14 18.38 -14.03 -18.07
N THR C 15 17.60 -12.97 -18.24
CA THR C 15 16.76 -12.50 -17.15
C THR C 15 15.55 -13.40 -16.93
N SER C 16 14.83 -13.74 -17.99
CA SER C 16 13.64 -14.57 -17.87
C SER C 16 14.00 -16.03 -18.10
N ASP C 17 14.69 -16.60 -17.11
CA ASP C 17 15.05 -18.00 -17.13
C ASP C 17 14.00 -18.84 -16.44
N ASP C 18 14.06 -20.14 -16.68
CA ASP C 18 13.19 -21.10 -16.02
C ASP C 18 14.01 -22.34 -15.67
N TYR C 19 15.22 -22.12 -15.15
CA TYR C 19 16.12 -23.21 -14.86
C TYR C 19 15.95 -23.68 -13.41
N GLN C 20 16.72 -24.71 -13.06
CA GLN C 20 16.70 -25.29 -11.73
C GLN C 20 17.99 -24.93 -11.02
N SER C 21 17.92 -24.82 -9.70
CA SER C 21 19.04 -24.33 -8.91
C SER C 21 19.16 -25.17 -7.66
N PRO C 22 20.35 -25.28 -7.09
CA PRO C 22 20.48 -25.95 -5.80
C PRO C 22 19.99 -25.05 -4.68
N THR C 23 19.51 -25.67 -3.61
CA THR C 23 18.96 -24.95 -2.47
C THR C 23 20.08 -24.65 -1.49
N ALA C 24 20.12 -23.41 -1.01
CA ALA C 24 21.10 -23.02 0.00
C ALA C 24 20.72 -23.50 1.40
N MET C 25 19.44 -23.79 1.65
CA MET C 25 18.97 -24.31 2.92
C MET C 25 18.36 -25.68 2.70
N PRO C 26 19.17 -26.74 2.71
CA PRO C 26 18.66 -28.07 2.35
C PRO C 26 17.73 -28.64 3.39
N GLN C 27 16.67 -29.30 2.89
CA GLN C 27 15.64 -29.98 3.69
C GLN C 27 14.98 -29.03 4.69
N PHE C 28 14.71 -27.81 4.24
CA PHE C 28 14.12 -26.79 5.10
C PHE C 28 12.62 -27.06 5.27
N ASP C 29 12.13 -26.83 6.49
CA ASP C 29 10.73 -27.07 6.82
C ASP C 29 9.93 -25.78 6.63
N VAL C 30 9.16 -25.73 5.57
CA VAL C 30 8.37 -24.54 5.25
C VAL C 30 7.13 -24.53 6.13
N THR C 31 6.79 -23.36 6.65
CA THR C 31 5.63 -23.20 7.52
C THR C 31 4.33 -23.49 6.75
N PRO C 32 3.32 -24.04 7.43
CA PRO C 32 2.11 -24.45 6.71
C PRO C 32 1.30 -23.29 6.17
N GLU C 33 0.64 -23.54 5.05
CA GLU C 33 -0.10 -22.53 4.32
C GLU C 33 -1.45 -22.27 4.96
N MET C 34 -1.86 -21.01 4.97
CA MET C 34 -3.11 -20.60 5.59
C MET C 34 -4.03 -19.97 4.55
N ASN C 35 -5.32 -20.22 4.69
CA ASN C 35 -6.32 -19.76 3.72
C ASN C 35 -6.65 -18.30 4.01
N ILE C 36 -5.86 -17.40 3.42
CA ILE C 36 -6.10 -15.97 3.54
C ILE C 36 -7.13 -15.59 2.48
N PRO C 37 -8.20 -14.88 2.84
CA PRO C 37 -9.25 -14.56 1.86
C PRO C 37 -8.80 -13.54 0.84
N GLY C 38 -9.25 -13.73 -0.40
CA GLY C 38 -8.94 -12.77 -1.44
C GLY C 38 -7.70 -13.08 -2.25
N GLU C 39 -7.65 -14.26 -2.84
CA GLU C 39 -6.48 -14.69 -3.60
C GLU C 39 -6.50 -14.14 -5.01
N VAL C 40 -5.38 -13.61 -5.46
CA VAL C 40 -5.21 -13.15 -6.82
C VAL C 40 -4.40 -14.19 -7.58
N LYS C 41 -4.98 -14.74 -8.64
CA LYS C 41 -4.25 -15.61 -9.55
C LYS C 41 -3.93 -14.95 -10.88
N ASN C 42 -4.57 -13.84 -11.20
CA ASN C 42 -4.38 -13.17 -12.47
C ASN C 42 -4.48 -11.67 -12.20
N LEU C 43 -3.64 -10.87 -12.86
CA LEU C 43 -3.80 -9.42 -12.77
C LEU C 43 -5.05 -8.94 -13.46
N MET C 44 -5.62 -9.72 -14.35
CA MET C 44 -6.84 -9.35 -15.03
C MET C 44 -8.08 -9.54 -14.16
N GLU C 45 -7.96 -10.14 -12.99
CA GLU C 45 -9.04 -10.08 -12.02
C GLU C 45 -9.11 -8.70 -11.36
N ILE C 46 -8.02 -7.95 -11.40
CA ILE C 46 -7.98 -6.62 -10.81
C ILE C 46 -8.47 -5.57 -11.79
N ALA C 47 -8.07 -5.69 -13.06
CA ALA C 47 -8.41 -4.69 -14.07
C ALA C 47 -9.89 -4.68 -14.42
N GLU C 48 -10.64 -5.72 -14.08
CA GLU C 48 -12.08 -5.74 -14.33
C GLU C 48 -12.88 -5.03 -13.25
N VAL C 49 -12.24 -4.32 -12.33
CA VAL C 49 -12.91 -3.65 -11.22
C VAL C 49 -12.98 -2.16 -11.51
N ASP C 50 -14.09 -1.52 -11.17
CA ASP C 50 -14.30 -0.10 -11.43
C ASP C 50 -13.33 0.76 -10.64
N SER C 51 -12.90 1.85 -11.27
CA SER C 51 -12.09 2.87 -10.62
C SER C 51 -12.35 4.21 -11.29
N VAL C 52 -12.32 5.27 -10.50
CA VAL C 52 -12.84 6.57 -10.93
C VAL C 52 -11.80 7.23 -11.83
N VAL C 53 -12.27 7.93 -12.85
CA VAL C 53 -11.43 8.51 -13.88
C VAL C 53 -11.24 9.99 -13.57
N PRO C 54 -10.02 10.49 -13.47
CA PRO C 54 -9.83 11.92 -13.23
C PRO C 54 -10.03 12.74 -14.50
N VAL C 55 -11.30 13.04 -14.79
CA VAL C 55 -11.63 13.66 -16.07
C VAL C 55 -11.34 15.16 -16.04
N ASN C 56 -11.74 15.85 -14.97
CA ASN C 56 -11.61 17.30 -14.90
C ASN C 56 -10.22 17.70 -14.41
N ASN C 57 -9.21 17.35 -15.20
CA ASN C 57 -7.83 17.65 -14.83
C ASN C 57 -7.31 18.92 -15.49
N VAL C 58 -8.15 19.95 -15.58
CA VAL C 58 -7.77 21.18 -16.27
C VAL C 58 -6.91 22.05 -15.36
N ASN C 59 -5.60 21.85 -15.44
CA ASN C 59 -4.46 22.74 -15.17
C ASN C 59 -4.32 23.26 -13.74
N GLU C 60 -5.32 23.07 -12.90
CA GLU C 60 -5.16 23.30 -11.47
C GLU C 60 -5.88 22.28 -10.60
N ASN C 61 -6.95 21.66 -11.08
CA ASN C 61 -7.78 20.76 -10.31
C ASN C 61 -7.12 19.40 -10.07
N VAL C 62 -5.89 19.21 -10.56
CA VAL C 62 -5.13 18.01 -10.27
C VAL C 62 -4.81 17.93 -8.78
N ASN C 63 -4.49 19.06 -8.17
CA ASN C 63 -4.10 19.10 -6.76
C ASN C 63 -5.30 19.31 -5.84
N SER C 64 -6.35 18.49 -6.01
CA SER C 64 -7.54 18.51 -5.16
C SER C 64 -8.33 17.27 -5.51
N LEU C 65 -9.51 17.14 -4.90
CA LEU C 65 -10.47 16.14 -5.33
C LEU C 65 -11.29 16.56 -6.52
N GLU C 66 -11.06 17.75 -7.06
CA GLU C 66 -11.93 18.27 -8.11
C GLU C 66 -11.57 17.71 -9.48
N ALA C 67 -10.47 16.95 -9.58
CA ALA C 67 -10.15 16.27 -10.83
C ALA C 67 -11.18 15.21 -11.18
N TYR C 68 -11.87 14.66 -10.19
CA TYR C 68 -12.83 13.60 -10.43
C TYR C 68 -14.25 14.12 -10.67
N ARG C 69 -14.53 15.38 -10.36
CA ARG C 69 -15.88 15.93 -10.48
C ARG C 69 -16.04 16.55 -11.86
N ILE C 70 -16.95 16.02 -12.66
CA ILE C 70 -17.27 16.59 -13.96
C ILE C 70 -18.44 17.55 -13.77
N PRO C 71 -18.32 18.81 -14.20
CA PRO C 71 -19.41 19.76 -13.99
C PRO C 71 -20.58 19.51 -14.92
N VAL C 72 -21.78 19.70 -14.40
CA VAL C 72 -23.00 19.69 -15.19
C VAL C 72 -23.99 20.65 -14.54
N HIS C 73 -24.69 21.42 -15.36
CA HIS C 73 -25.64 22.40 -14.88
C HIS C 73 -26.76 22.51 -15.92
N SER C 74 -27.68 23.44 -15.70
CA SER C 74 -28.70 23.71 -16.69
C SER C 74 -28.15 24.67 -17.71
N VAL C 75 -28.42 24.40 -18.98
CA VAL C 75 -27.83 25.15 -20.07
C VAL C 75 -28.95 25.93 -20.77
N THR C 76 -28.61 27.13 -21.21
CA THR C 76 -29.58 27.98 -21.90
C THR C 76 -29.78 27.60 -23.36
N GLU C 77 -29.04 26.62 -23.86
CA GLU C 77 -29.21 26.12 -25.22
C GLU C 77 -28.76 24.67 -25.26
N THR C 78 -29.62 23.80 -25.79
CA THR C 78 -29.36 22.37 -25.75
C THR C 78 -28.35 22.01 -26.84
N GLY C 79 -27.97 20.73 -26.90
CA GLY C 79 -27.08 20.29 -27.94
C GLY C 79 -25.63 20.64 -27.72
N ALA C 80 -25.25 21.07 -26.53
CA ALA C 80 -23.87 21.44 -26.25
C ALA C 80 -23.04 20.21 -25.90
N GLN C 81 -21.85 20.43 -25.39
CA GLN C 81 -20.92 19.37 -25.07
C GLN C 81 -20.71 19.40 -23.57
N VAL C 82 -20.29 18.27 -23.00
CA VAL C 82 -20.16 18.13 -21.56
C VAL C 82 -18.70 17.92 -21.23
N PHE C 83 -18.09 16.90 -21.82
CA PHE C 83 -16.66 16.69 -21.74
C PHE C 83 -16.22 15.91 -22.98
N GLY C 84 -14.98 15.43 -22.95
CA GLY C 84 -14.49 14.52 -23.97
C GLY C 84 -13.04 14.16 -23.75
N PHE C 85 -12.62 12.97 -24.17
CA PHE C 85 -11.22 12.58 -24.11
C PHE C 85 -10.96 11.53 -25.17
N THR C 86 -9.70 11.09 -25.24
CA THR C 86 -9.24 10.16 -26.27
C THR C 86 -9.06 8.79 -25.65
N LEU C 87 -9.59 7.76 -26.31
CA LEU C 87 -9.61 6.41 -25.76
C LEU C 87 -8.22 5.80 -25.93
N GLN C 88 -7.32 6.11 -24.99
CA GLN C 88 -5.99 5.50 -24.95
C GLN C 88 -5.62 5.22 -23.51
N PRO C 89 -6.04 4.06 -22.98
CA PRO C 89 -5.70 3.72 -21.58
C PRO C 89 -4.23 3.40 -21.39
N GLY C 90 -3.44 4.44 -21.15
CA GLY C 90 -2.04 4.25 -20.82
C GLY C 90 -1.17 5.28 -21.51
N ALA C 91 -1.75 5.96 -22.49
CA ALA C 91 -1.09 7.05 -23.20
C ALA C 91 -1.78 8.37 -23.02
N ASP C 92 -3.12 8.37 -22.97
CA ASP C 92 -3.86 9.60 -22.79
C ASP C 92 -3.81 10.05 -21.35
N THR C 93 -3.76 11.38 -21.15
CA THR C 93 -3.57 11.97 -19.84
C THR C 93 -4.74 11.76 -18.89
N VAL C 94 -5.92 11.45 -19.41
CA VAL C 94 -7.11 11.35 -18.58
C VAL C 94 -7.09 10.06 -17.76
N MET C 95 -7.03 8.92 -18.42
CA MET C 95 -7.03 7.63 -17.71
C MET C 95 -5.63 7.03 -17.62
N GLU C 96 -4.64 7.90 -17.40
CA GLU C 96 -3.25 7.46 -17.36
C GLU C 96 -2.93 6.75 -16.05
N ARG C 97 -3.24 7.37 -14.92
CA ARG C 97 -2.90 6.85 -13.61
C ARG C 97 -4.04 6.06 -12.97
N THR C 98 -4.93 5.51 -13.78
CA THR C 98 -6.06 4.75 -13.25
C THR C 98 -5.58 3.33 -12.96
N LEU C 99 -6.43 2.53 -12.32
CA LEU C 99 -6.09 1.15 -12.00
C LEU C 99 -5.87 0.32 -13.26
N LEU C 100 -6.78 0.47 -14.24
CA LEU C 100 -6.59 -0.17 -15.54
C LEU C 100 -5.37 0.40 -16.26
N GLY C 101 -5.10 1.70 -16.08
CA GLY C 101 -3.93 2.28 -16.72
C GLY C 101 -2.63 1.89 -16.06
N GLU C 102 -2.65 1.62 -14.76
CA GLU C 102 -1.43 1.23 -14.06
C GLU C 102 -1.12 -0.25 -14.17
N ILE C 103 -2.14 -1.11 -14.25
CA ILE C 103 -1.88 -2.45 -14.73
C ILE C 103 -1.39 -2.40 -16.16
N LEU C 104 -1.98 -1.50 -16.96
CA LEU C 104 -1.81 -1.54 -18.40
C LEU C 104 -0.54 -0.83 -18.88
N ASN C 105 0.14 -0.07 -18.02
CA ASN C 105 1.42 0.51 -18.41
C ASN C 105 2.61 -0.42 -18.21
N TYR C 106 2.45 -1.52 -17.49
CA TYR C 106 3.47 -2.56 -17.49
C TYR C 106 3.39 -3.46 -18.71
N TYR C 107 2.50 -3.18 -19.64
CA TYR C 107 2.38 -3.99 -20.84
C TYR C 107 2.67 -3.13 -22.06
N ALA C 108 2.56 -3.73 -23.24
CA ALA C 108 2.78 -2.99 -24.47
C ALA C 108 1.77 -3.31 -25.55
N ASN C 109 0.90 -4.29 -25.38
CA ASN C 109 -0.18 -4.56 -26.30
C ASN C 109 -1.45 -4.79 -25.48
N TRP C 110 -2.58 -4.34 -26.00
CA TRP C 110 -3.84 -4.64 -25.33
C TRP C 110 -4.92 -4.91 -26.36
N SER C 111 -6.00 -5.53 -25.88
CA SER C 111 -7.13 -5.92 -26.71
C SER C 111 -8.33 -6.13 -25.82
N GLY C 112 -9.51 -6.04 -26.40
CA GLY C 112 -10.75 -6.27 -25.69
C GLY C 112 -11.52 -4.99 -25.47
N SER C 113 -12.73 -5.16 -24.96
CA SER C 113 -13.64 -4.06 -24.78
C SER C 113 -13.45 -3.39 -23.42
N ILE C 114 -13.93 -2.16 -23.30
CA ILE C 114 -13.74 -1.33 -22.11
C ILE C 114 -15.09 -0.76 -21.71
N LYS C 115 -15.43 -0.84 -20.43
CA LYS C 115 -16.68 -0.31 -19.92
C LYS C 115 -16.48 1.06 -19.31
N LEU C 116 -17.55 1.86 -19.31
CA LEU C 116 -17.53 3.20 -18.74
C LEU C 116 -18.84 3.46 -18.01
N THR C 117 -18.76 3.80 -16.73
CA THR C 117 -19.93 3.94 -15.89
C THR C 117 -20.04 5.37 -15.40
N PHE C 118 -21.24 5.93 -15.49
CA PHE C 118 -21.47 7.34 -15.18
C PHE C 118 -22.49 7.45 -14.06
N MET C 119 -22.01 7.77 -12.87
CA MET C 119 -22.86 7.94 -11.70
C MET C 119 -23.26 9.41 -11.59
N TYR C 120 -24.56 9.68 -11.56
CA TYR C 120 -25.05 11.05 -11.39
C TYR C 120 -25.22 11.34 -9.91
N CYS C 121 -24.33 12.17 -9.37
CA CYS C 121 -24.35 12.50 -7.94
C CYS C 121 -25.01 13.86 -7.71
N GLY C 122 -26.28 13.94 -8.04
CA GLY C 122 -27.02 15.18 -7.90
C GLY C 122 -28.24 15.04 -7.01
N SER C 123 -29.18 15.96 -7.14
CA SER C 123 -30.39 15.93 -6.34
C SER C 123 -31.32 14.82 -6.81
N ALA C 124 -32.35 14.54 -5.99
CA ALA C 124 -33.31 13.53 -6.37
C ALA C 124 -34.45 14.07 -7.22
N MET C 125 -34.62 15.39 -7.28
CA MET C 125 -35.61 16.01 -8.13
C MET C 125 -35.08 16.38 -9.50
N ALA C 126 -33.77 16.40 -9.67
CA ALA C 126 -33.18 16.80 -10.94
C ALA C 126 -33.31 15.68 -11.95
N THR C 127 -33.48 16.05 -13.21
CA THR C 127 -33.65 15.07 -14.26
C THR C 127 -33.11 15.64 -15.56
N GLY C 128 -32.82 14.75 -16.50
CA GLY C 128 -32.24 15.15 -17.76
C GLY C 128 -31.62 13.97 -18.45
N LYS C 129 -31.25 14.18 -19.71
CA LYS C 129 -30.73 13.13 -20.56
C LYS C 129 -29.36 13.52 -21.10
N PHE C 130 -28.52 12.52 -21.35
CA PHE C 130 -27.21 12.76 -21.95
C PHE C 130 -27.00 11.81 -23.12
N LEU C 131 -25.96 12.10 -23.88
CA LEU C 131 -25.63 11.35 -25.09
C LEU C 131 -24.21 10.83 -24.94
N LEU C 132 -24.06 9.58 -24.51
CA LEU C 132 -22.75 9.00 -24.27
C LEU C 132 -22.33 8.31 -25.55
N ALA C 133 -21.27 8.81 -26.19
CA ALA C 133 -21.00 8.42 -27.56
C ALA C 133 -19.53 8.08 -27.77
N TYR C 134 -19.31 7.02 -28.54
CA TYR C 134 -18.00 6.60 -28.99
C TYR C 134 -17.96 6.65 -30.51
N SER C 135 -16.90 7.25 -31.04
CA SER C 135 -16.77 7.45 -32.47
C SER C 135 -15.48 6.82 -32.95
N PRO C 136 -15.54 5.82 -33.84
CA PRO C 136 -14.32 5.15 -34.26
C PRO C 136 -13.46 6.08 -35.09
N PRO C 137 -12.14 5.88 -35.08
CA PRO C 137 -11.25 6.85 -35.72
C PRO C 137 -11.21 6.67 -37.23
N GLY C 138 -10.67 7.67 -37.88
CA GLY C 138 -10.65 7.70 -39.33
C GLY C 138 -11.16 9.04 -39.81
N ALA C 139 -12.13 9.57 -39.11
CA ALA C 139 -12.53 10.96 -39.26
C ALA C 139 -11.93 11.76 -38.12
N GLY C 140 -12.31 13.02 -38.00
CA GLY C 140 -11.83 13.85 -36.93
C GLY C 140 -12.63 13.65 -35.66
N VAL C 141 -12.39 14.52 -34.70
CA VAL C 141 -13.26 14.61 -33.53
C VAL C 141 -14.58 15.25 -33.95
N PRO C 142 -15.73 14.70 -33.57
CA PRO C 142 -16.99 15.32 -33.95
C PRO C 142 -17.20 16.65 -33.25
N LYS C 143 -17.83 17.59 -33.96
CA LYS C 143 -17.94 18.95 -33.48
C LYS C 143 -19.38 19.39 -33.18
N ASN C 144 -20.37 18.66 -33.65
CA ASN C 144 -21.76 18.95 -33.34
C ASN C 144 -22.33 17.82 -32.50
N ARG C 145 -23.59 17.96 -32.11
CA ARG C 145 -24.25 16.78 -31.57
C ARG C 145 -24.72 15.86 -32.68
N ARG C 146 -25.06 16.41 -33.85
CA ARG C 146 -25.57 15.58 -34.93
C ARG C 146 -24.46 14.86 -35.69
N GLU C 147 -23.20 15.21 -35.46
CA GLU C 147 -22.13 14.39 -36.02
C GLU C 147 -21.73 13.27 -35.07
N ALA C 148 -21.88 13.47 -33.78
CA ALA C 148 -21.52 12.46 -32.81
C ALA C 148 -22.64 11.46 -32.57
N MET C 149 -23.85 11.70 -33.06
CA MET C 149 -24.91 10.70 -32.99
C MET C 149 -24.83 9.69 -34.12
N LEU C 150 -23.83 9.79 -35.00
CA LEU C 150 -23.60 8.80 -36.03
C LEU C 150 -22.73 7.66 -35.55
N GLY C 151 -22.12 7.78 -34.38
CA GLY C 151 -21.19 6.77 -33.91
C GLY C 151 -21.88 5.64 -33.19
N THR C 152 -21.25 5.15 -32.13
CA THR C 152 -21.83 4.13 -31.26
C THR C 152 -22.22 4.83 -29.98
N HIS C 153 -23.48 5.23 -29.88
CA HIS C 153 -23.92 6.06 -28.78
C HIS C 153 -25.06 5.42 -28.01
N ILE C 154 -25.32 5.98 -26.83
CA ILE C 154 -26.43 5.57 -25.98
C ILE C 154 -27.02 6.82 -25.34
N ILE C 155 -28.35 6.89 -25.28
CA ILE C 155 -29.03 7.99 -24.62
C ILE C 155 -29.41 7.55 -23.22
N TRP C 156 -28.94 8.29 -22.22
CA TRP C 156 -29.06 7.89 -20.83
C TRP C 156 -30.05 8.79 -20.11
N ASP C 157 -31.12 8.18 -19.60
CA ASP C 157 -32.16 8.90 -18.87
C ASP C 157 -31.87 8.82 -17.38
N ILE C 158 -31.75 9.98 -16.75
CA ILE C 158 -31.56 10.04 -15.31
C ILE C 158 -32.88 9.76 -14.62
N GLY C 159 -32.89 8.76 -13.75
CA GLY C 159 -34.09 8.37 -13.03
C GLY C 159 -33.74 7.77 -11.70
N LEU C 160 -34.47 6.73 -11.31
CA LEU C 160 -34.18 6.08 -10.04
C LEU C 160 -32.92 5.23 -10.13
N GLN C 161 -32.62 4.70 -11.31
CA GLN C 161 -31.39 3.95 -11.56
C GLN C 161 -30.33 4.96 -11.98
N SER C 162 -29.44 5.31 -11.05
CA SER C 162 -28.64 6.51 -11.19
C SER C 162 -27.35 6.32 -11.96
N SER C 163 -27.11 5.18 -12.59
CA SER C 163 -25.86 5.00 -13.33
C SER C 163 -26.10 4.18 -14.59
N CYS C 164 -25.36 4.51 -15.64
CA CYS C 164 -25.44 3.81 -16.92
C CYS C 164 -24.07 3.26 -17.28
N VAL C 165 -24.05 2.35 -18.24
CA VAL C 165 -22.81 1.70 -18.66
C VAL C 165 -22.66 1.88 -20.16
N LEU C 166 -21.63 2.61 -20.56
CA LEU C 166 -21.25 2.73 -21.96
C LEU C 166 -20.17 1.70 -22.26
N CYS C 167 -20.53 0.65 -23.00
CA CYS C 167 -19.59 -0.42 -23.31
C CYS C 167 -18.99 -0.16 -24.68
N VAL C 168 -17.69 0.09 -24.71
CA VAL C 168 -16.98 0.44 -25.95
C VAL C 168 -16.50 -0.85 -26.60
N PRO C 169 -17.03 -1.26 -27.74
CA PRO C 169 -16.69 -2.55 -28.32
C PRO C 169 -15.30 -2.53 -28.96
N TRP C 170 -14.92 -3.67 -29.49
CA TRP C 170 -13.61 -3.85 -30.10
C TRP C 170 -13.74 -3.73 -31.62
N ILE C 171 -13.46 -2.55 -32.13
CA ILE C 171 -13.49 -2.27 -33.55
C ILE C 171 -12.05 -2.01 -33.99
N SER C 172 -11.43 -3.01 -34.61
CA SER C 172 -10.04 -2.89 -35.02
C SER C 172 -9.82 -3.67 -36.31
N GLN C 173 -8.64 -3.48 -36.89
CA GLN C 173 -8.18 -4.35 -37.96
C GLN C 173 -7.07 -5.29 -37.51
N THR C 174 -6.37 -4.97 -36.43
CA THR C 174 -5.36 -5.83 -35.85
C THR C 174 -5.90 -6.44 -34.55
N HIS C 175 -5.30 -7.57 -34.17
CA HIS C 175 -5.73 -8.25 -32.95
C HIS C 175 -5.32 -7.52 -31.68
N TYR C 176 -4.36 -6.60 -31.76
CA TYR C 176 -3.91 -5.85 -30.61
C TYR C 176 -3.65 -4.40 -30.99
N ARG C 177 -3.73 -3.54 -29.99
CA ARG C 177 -3.34 -2.14 -30.11
C ARG C 177 -2.24 -1.85 -29.11
N PHE C 178 -1.42 -0.85 -29.40
CA PHE C 178 -0.32 -0.50 -28.53
C PHE C 178 -0.80 0.36 -27.37
N VAL C 179 -0.23 0.14 -26.20
CA VAL C 179 -0.60 0.95 -25.04
C VAL C 179 0.00 2.34 -25.14
N SER C 180 1.03 2.53 -25.96
CA SER C 180 1.67 3.81 -26.17
C SER C 180 1.04 4.50 -27.38
N LYS C 181 1.64 5.62 -27.79
CA LYS C 181 1.07 6.43 -28.85
C LYS C 181 1.83 6.13 -30.15
N ASP C 182 1.14 5.49 -31.09
CA ASP C 182 1.56 5.49 -32.49
C ASP C 182 0.33 5.66 -33.37
N ILE C 183 0.57 6.07 -34.61
CA ILE C 183 -0.53 6.46 -35.47
C ILE C 183 -1.20 5.26 -36.14
N TYR C 184 -0.53 4.11 -36.16
CA TYR C 184 -1.13 2.95 -36.81
C TYR C 184 -2.24 2.31 -35.97
N THR C 185 -2.24 2.51 -34.66
CA THR C 185 -3.26 1.91 -33.81
C THR C 185 -4.03 2.95 -33.01
N ASP C 186 -4.49 4.01 -33.69
CA ASP C 186 -5.38 4.96 -33.04
C ASP C 186 -6.73 4.30 -32.78
N ALA C 187 -7.41 4.76 -31.72
CA ALA C 187 -8.45 3.95 -31.11
C ALA C 187 -9.81 4.62 -30.99
N GLY C 188 -9.91 5.93 -31.16
CA GLY C 188 -11.21 6.58 -31.17
C GLY C 188 -11.34 7.63 -30.08
N PHE C 189 -12.58 8.07 -29.87
CA PHE C 189 -12.87 9.19 -28.99
C PHE C 189 -14.15 8.93 -28.20
N ILE C 190 -14.21 9.47 -26.99
CA ILE C 190 -15.37 9.38 -26.11
C ILE C 190 -15.85 10.80 -25.82
N THR C 191 -17.06 11.11 -26.24
CA THR C 191 -17.65 12.42 -26.01
C THR C 191 -19.02 12.27 -25.36
N CYS C 192 -19.44 13.32 -24.65
CA CYS C 192 -20.72 13.35 -23.99
C CYS C 192 -21.39 14.68 -24.25
N TRP C 193 -22.69 14.63 -24.56
CA TRP C 193 -23.42 15.79 -25.06
C TRP C 193 -24.71 15.92 -24.30
N TYR C 194 -25.09 17.15 -23.94
CA TYR C 194 -26.40 17.44 -23.40
C TYR C 194 -27.49 17.05 -24.38
N GLN C 195 -28.39 16.16 -23.95
CA GLN C 195 -29.48 15.74 -24.83
C GLN C 195 -30.66 16.69 -24.70
N THR C 196 -31.13 16.96 -23.49
CA THR C 196 -32.05 18.08 -23.35
C THR C 196 -31.45 19.19 -22.49
N SER C 197 -31.29 18.95 -21.20
CA SER C 197 -30.94 19.95 -20.20
C SER C 197 -30.92 19.27 -18.84
N ILE C 198 -30.59 20.05 -17.82
CA ILE C 198 -30.91 19.72 -16.43
C ILE C 198 -32.09 20.59 -16.01
N VAL C 199 -33.16 19.97 -15.52
CA VAL C 199 -34.35 20.69 -15.10
C VAL C 199 -34.59 20.43 -13.62
N VAL C 200 -34.60 21.49 -12.83
CA VAL C 200 -34.73 21.39 -11.37
C VAL C 200 -35.93 22.21 -10.91
N PRO C 201 -36.54 21.91 -9.78
CA PRO C 201 -37.57 22.78 -9.21
C PRO C 201 -36.92 23.93 -8.45
N ALA C 202 -37.77 24.75 -7.84
CA ALA C 202 -37.27 25.90 -7.09
C ALA C 202 -36.63 25.45 -5.79
N GLU C 203 -35.62 26.22 -5.36
CA GLU C 203 -34.83 25.98 -4.14
C GLU C 203 -34.14 24.61 -4.16
N VAL C 204 -33.66 24.22 -5.33
CA VAL C 204 -32.82 23.05 -5.53
C VAL C 204 -31.60 23.51 -6.33
N GLN C 205 -30.41 23.10 -5.92
CA GLN C 205 -29.18 23.55 -6.57
C GLN C 205 -29.07 23.02 -7.99
N ASN C 206 -28.71 23.93 -8.90
CA ASN C 206 -28.62 23.60 -10.32
C ASN C 206 -27.34 22.83 -10.62
N GLN C 207 -26.21 23.31 -10.12
CA GLN C 207 -24.91 22.79 -10.52
C GLN C 207 -24.62 21.50 -9.78
N SER C 208 -24.57 20.41 -10.51
CA SER C 208 -24.30 19.10 -9.94
C SER C 208 -23.05 18.49 -10.57
N VAL C 209 -22.79 17.22 -10.26
CA VAL C 209 -21.52 16.57 -10.55
C VAL C 209 -21.78 15.15 -11.06
N ILE C 210 -21.20 14.82 -12.21
CA ILE C 210 -21.21 13.46 -12.73
C ILE C 210 -19.84 12.84 -12.48
N LEU C 211 -19.82 11.60 -12.00
CA LEU C 211 -18.58 10.85 -11.77
C LEU C 211 -18.48 9.75 -12.82
N CYS C 212 -17.27 9.53 -13.34
CA CYS C 212 -17.03 8.54 -14.38
C CYS C 212 -16.14 7.43 -13.84
N PHE C 213 -16.50 6.19 -14.17
CA PHE C 213 -15.72 5.00 -13.83
C PHE C 213 -15.11 4.41 -15.09
N VAL C 214 -14.24 3.42 -14.92
CA VAL C 214 -13.70 2.67 -16.05
C VAL C 214 -13.35 1.27 -15.56
N SER C 215 -13.52 0.29 -16.45
CA SER C 215 -13.19 -1.09 -16.14
C SER C 215 -12.94 -1.83 -17.45
N ALA C 216 -12.69 -3.12 -17.35
CA ALA C 216 -12.48 -3.95 -18.52
C ALA C 216 -13.54 -5.04 -18.57
N CYS C 217 -13.76 -5.60 -19.75
CA CYS C 217 -14.77 -6.63 -19.91
C CYS C 217 -14.16 -7.99 -19.60
N ASN C 218 -14.88 -9.05 -19.98
CA ASN C 218 -14.40 -10.41 -19.80
C ASN C 218 -13.64 -10.94 -21.02
N ASP C 219 -13.23 -10.06 -21.94
CA ASP C 219 -12.44 -10.46 -23.10
C ASP C 219 -11.21 -9.57 -23.27
N PHE C 220 -10.70 -9.02 -22.17
CA PHE C 220 -9.62 -8.06 -22.20
C PHE C 220 -8.31 -8.81 -21.99
N SER C 221 -7.25 -8.40 -22.69
CA SER C 221 -6.01 -9.16 -22.67
C SER C 221 -4.80 -8.26 -22.92
N VAL C 222 -3.67 -8.59 -22.30
CA VAL C 222 -2.42 -7.83 -22.44
C VAL C 222 -1.28 -8.78 -22.78
N ARG C 223 -0.24 -8.26 -23.46
CA ARG C 223 0.74 -9.20 -23.98
C ARG C 223 2.22 -9.02 -23.58
N LEU C 224 2.82 -7.84 -23.75
CA LEU C 224 4.28 -7.70 -23.71
C LEU C 224 4.76 -6.99 -22.44
N LEU C 225 5.42 -7.74 -21.55
CA LEU C 225 6.06 -7.15 -20.37
C LEU C 225 7.11 -6.13 -20.73
N ARG C 226 6.93 -4.91 -20.23
CA ARG C 226 7.96 -3.89 -20.23
C ARG C 226 7.92 -3.17 -18.89
N ASP C 227 8.91 -2.32 -18.66
CA ASP C 227 8.90 -1.52 -17.44
C ASP C 227 7.99 -0.32 -17.60
N SER C 228 7.48 0.16 -16.46
CA SER C 228 6.58 1.30 -16.49
C SER C 228 7.36 2.59 -16.73
N PRO C 229 6.80 3.52 -17.52
CA PRO C 229 7.45 4.82 -17.72
C PRO C 229 7.26 5.82 -16.59
N PHE C 230 6.81 5.37 -15.41
CA PHE C 230 6.51 6.27 -14.31
C PHE C 230 7.44 6.08 -13.13
N VAL C 231 8.05 4.90 -12.99
CA VAL C 231 8.99 4.66 -11.93
C VAL C 231 10.26 5.44 -12.20
N ARG C 232 10.72 6.19 -11.21
CA ARG C 232 11.93 6.99 -11.38
C ARG C 232 12.71 6.97 -10.08
N GLN C 233 14.01 6.68 -10.19
CA GLN C 233 14.90 6.59 -9.05
C GLN C 233 16.22 7.24 -9.41
N THR C 234 16.76 8.03 -8.49
CA THR C 234 18.03 8.71 -8.71
C THR C 234 19.16 8.12 -7.88
N ALA C 235 18.95 7.94 -6.59
CA ALA C 235 19.90 7.24 -5.74
C ALA C 235 19.15 6.17 -4.98
N PHE C 236 19.90 5.33 -4.27
CA PHE C 236 19.30 4.29 -3.46
C PHE C 236 18.56 4.89 -2.28
N TYR C 237 17.45 4.26 -1.90
CA TYR C 237 16.67 4.74 -0.78
C TYR C 237 17.24 4.14 0.50
N GLN C 238 17.76 5.01 1.36
CA GLN C 238 18.39 4.53 2.59
C GLN C 238 17.85 5.27 3.81
N GLY D 1 11.63 -41.24 -14.05
CA GLY D 1 10.62 -40.48 -13.34
C GLY D 1 10.34 -39.14 -13.95
N ALA D 2 10.13 -39.13 -15.27
CA ALA D 2 9.91 -37.91 -16.04
C ALA D 2 8.41 -37.67 -16.21
N GLN D 3 8.07 -36.44 -16.55
CA GLN D 3 6.67 -36.09 -16.81
C GLN D 3 6.61 -35.21 -18.05
N VAL D 4 5.60 -35.44 -18.87
CA VAL D 4 5.48 -34.82 -20.18
C VAL D 4 4.24 -33.92 -20.17
N SER D 5 4.44 -32.65 -20.50
CA SER D 5 3.38 -31.67 -20.62
C SER D 5 3.36 -31.15 -22.05
N THR D 6 2.57 -30.10 -22.28
CA THR D 6 2.46 -29.50 -23.60
C THR D 6 3.20 -28.17 -23.62
N GLN D 7 3.74 -27.82 -24.78
CA GLN D 7 4.36 -26.53 -24.94
C GLN D 7 3.32 -25.48 -25.28
N LYS D 8 3.55 -24.26 -24.81
CA LYS D 8 2.73 -23.12 -25.18
C LYS D 8 2.95 -22.80 -26.65
N THR D 9 1.87 -22.79 -27.42
CA THR D 9 1.97 -22.59 -28.86
C THR D 9 0.85 -21.68 -29.33
N GLY D 10 0.95 -21.28 -30.60
CA GLY D 10 -0.05 -20.40 -31.18
C GLY D 10 -1.35 -21.12 -31.48
N ALA D 11 -2.35 -20.35 -31.85
CA ALA D 11 -3.68 -20.86 -32.10
C ALA D 11 -3.95 -20.90 -33.60
N HIS D 12 -5.00 -21.64 -33.97
CA HIS D 12 -5.64 -21.65 -35.28
C HIS D 12 -4.78 -22.31 -36.37
N GLU D 13 -3.55 -22.70 -36.02
CA GLU D 13 -2.66 -23.42 -36.92
C GLU D 13 -1.57 -24.12 -36.10
N ILE D 23 0.43 -28.48 -29.12
CA ILE D 23 0.25 -29.88 -28.77
C ILE D 23 1.62 -30.56 -28.88
N ILE D 24 2.63 -29.74 -29.21
CA ILE D 24 4.00 -30.23 -29.20
C ILE D 24 4.46 -30.42 -27.76
N HIS D 25 5.05 -31.56 -27.47
CA HIS D 25 5.34 -31.98 -26.11
C HIS D 25 6.78 -31.67 -25.73
N TYR D 26 7.02 -31.54 -24.42
CA TYR D 26 8.36 -31.39 -23.88
C TYR D 26 8.50 -32.28 -22.66
N THR D 27 9.75 -32.39 -22.17
CA THR D 27 10.04 -33.27 -21.05
C THR D 27 10.67 -32.47 -19.90
N ASN D 28 10.48 -32.99 -18.69
CA ASN D 28 10.98 -32.34 -17.48
C ASN D 28 11.33 -33.42 -16.47
N ILE D 29 12.51 -33.31 -15.87
CA ILE D 29 12.96 -34.22 -14.83
C ILE D 29 13.43 -33.38 -13.65
N ASN D 30 12.95 -33.70 -12.46
CA ASN D 30 13.37 -32.99 -11.26
C ASN D 30 14.60 -33.66 -10.67
N TYR D 31 15.65 -32.88 -10.45
CA TYR D 31 16.93 -33.44 -10.05
C TYR D 31 17.21 -33.32 -8.55
N TYR D 32 16.69 -32.30 -7.88
CA TYR D 32 17.10 -32.00 -6.53
C TYR D 32 16.05 -32.43 -5.52
N LYS D 33 16.47 -32.47 -4.26
CA LYS D 33 15.68 -33.05 -3.19
C LYS D 33 14.68 -32.09 -2.57
N ASP D 34 14.72 -30.81 -2.94
CA ASP D 34 13.88 -29.79 -2.34
C ASP D 34 12.86 -29.27 -3.33
N ALA D 35 11.72 -28.80 -2.80
CA ALA D 35 10.67 -28.28 -3.66
C ALA D 35 10.92 -26.84 -4.09
N ALA D 36 11.79 -26.12 -3.40
CA ALA D 36 12.17 -24.78 -3.83
C ALA D 36 13.13 -24.81 -5.00
N SER D 37 13.70 -25.97 -5.30
CA SER D 37 14.67 -26.09 -6.40
C SER D 37 14.01 -26.17 -7.76
N ASN D 38 12.70 -26.39 -7.83
CA ASN D 38 12.07 -26.71 -9.09
C ASN D 38 11.91 -25.46 -9.96
N SER D 39 11.66 -25.69 -11.25
CA SER D 39 11.41 -24.59 -12.16
C SER D 39 10.05 -23.96 -11.87
N ALA D 40 9.90 -22.71 -12.28
CA ALA D 40 8.70 -21.95 -11.94
C ALA D 40 7.51 -22.43 -12.76
N ASN D 41 6.33 -22.39 -12.14
CA ASN D 41 5.12 -22.94 -12.75
C ASN D 41 4.40 -21.84 -13.53
N ARG D 42 4.81 -21.67 -14.78
CA ARG D 42 4.27 -20.61 -15.63
C ARG D 42 3.16 -21.11 -16.53
N GLN D 43 2.46 -22.18 -16.14
CA GLN D 43 1.42 -22.76 -16.99
C GLN D 43 0.11 -22.97 -16.24
N ASP D 44 -0.19 -22.09 -15.29
CA ASP D 44 -1.48 -22.10 -14.61
C ASP D 44 -2.25 -20.86 -15.04
N PHE D 45 -3.30 -21.06 -15.86
CA PHE D 45 -3.98 -19.97 -16.53
C PHE D 45 -5.38 -19.72 -15.98
N THR D 46 -5.76 -20.37 -14.88
CA THR D 46 -7.10 -20.23 -14.37
C THR D 46 -7.28 -18.89 -13.67
N GLN D 47 -8.55 -18.53 -13.45
CA GLN D 47 -8.88 -17.27 -12.80
C GLN D 47 -10.27 -17.38 -12.20
N ASP D 48 -10.59 -16.43 -11.33
CA ASP D 48 -11.91 -16.31 -10.73
C ASP D 48 -12.11 -14.87 -10.23
N PRO D 49 -12.57 -13.95 -11.08
CA PRO D 49 -12.84 -12.57 -10.65
C PRO D 49 -14.26 -12.40 -10.09
N GLY D 50 -14.66 -13.31 -9.23
CA GLY D 50 -15.99 -13.25 -8.67
C GLY D 50 -15.96 -12.78 -7.23
N LYS D 51 -14.75 -12.64 -6.70
CA LYS D 51 -14.57 -12.10 -5.36
C LYS D 51 -14.19 -10.63 -5.36
N PHE D 52 -13.76 -10.11 -6.51
CA PHE D 52 -13.46 -8.69 -6.64
C PHE D 52 -14.57 -7.95 -7.36
N THR D 53 -14.95 -8.42 -8.54
CA THR D 53 -16.20 -8.01 -9.11
C THR D 53 -17.31 -8.87 -8.53
N GLU D 54 -18.52 -8.32 -8.54
CA GLU D 54 -19.69 -8.89 -7.85
C GLU D 54 -19.46 -9.33 -6.40
N PRO D 55 -18.90 -8.46 -5.51
CA PRO D 55 -18.58 -8.90 -4.15
C PRO D 55 -19.72 -8.70 -3.16
N VAL D 56 -20.95 -9.03 -3.59
CA VAL D 56 -22.11 -8.64 -2.80
C VAL D 56 -22.88 -9.85 -2.29
N LYS D 57 -23.87 -9.58 -1.46
CA LYS D 57 -24.89 -10.52 -1.03
C LYS D 57 -26.16 -10.21 -1.84
N ASP D 58 -27.04 -11.20 -1.96
CA ASP D 58 -28.27 -11.13 -2.77
C ASP D 58 -27.92 -10.82 -4.23
N ILE D 59 -27.29 -11.83 -4.85
CA ILE D 59 -26.62 -11.71 -6.14
C ILE D 59 -27.58 -11.22 -7.23
N MET D 60 -27.15 -10.17 -7.94
CA MET D 60 -27.97 -9.47 -8.92
C MET D 60 -28.15 -10.31 -10.18
N VAL D 61 -29.01 -9.82 -11.06
CA VAL D 61 -29.49 -10.59 -12.20
C VAL D 61 -28.94 -10.08 -13.52
N LYS D 62 -28.61 -8.78 -13.60
CA LYS D 62 -28.08 -7.96 -14.69
C LYS D 62 -29.18 -7.62 -15.73
N SER D 63 -30.35 -8.25 -15.67
CA SER D 63 -31.47 -7.83 -16.50
C SER D 63 -32.53 -7.05 -15.74
N LEU D 64 -32.63 -7.27 -14.45
CA LEU D 64 -33.52 -6.50 -13.58
C LEU D 64 -32.87 -5.18 -13.20
N PRO D 65 -33.64 -4.18 -12.74
CA PRO D 65 -33.04 -2.93 -12.28
C PRO D 65 -32.19 -3.05 -11.02
N ALA D 66 -32.30 -4.15 -10.28
CA ALA D 66 -31.55 -4.44 -9.05
C ALA D 66 -31.79 -3.42 -7.93
N LEU D 67 -32.86 -2.64 -8.02
CA LEU D 67 -33.33 -1.77 -6.95
C LEU D 67 -34.85 -1.74 -6.99
N ASN D 68 -35.45 -1.35 -5.86
CA ASN D 68 -36.90 -1.24 -5.66
C ASN D 68 -37.63 -2.54 -5.98
N CYS E 1 66.93 -9.88 21.63
CA CYS E 1 66.21 -10.19 20.40
C CYS E 1 65.65 -11.60 20.43
N ASN E 2 64.86 -11.91 21.46
CA ASN E 2 64.22 -13.20 21.53
C ASN E 2 62.98 -13.20 20.65
N ARG E 3 62.28 -14.34 20.62
CA ARG E 3 61.01 -14.40 19.90
C ARG E 3 59.96 -13.61 20.65
N SER E 4 59.15 -12.86 19.91
CA SER E 4 58.18 -11.95 20.51
C SER E 4 56.84 -12.13 19.82
N CYS E 5 55.80 -11.70 20.52
CA CYS E 5 54.44 -11.81 20.02
C CYS E 5 54.08 -10.53 19.28
N GLU E 6 52.83 -10.40 18.86
CA GLU E 6 52.38 -9.18 18.21
C GLU E 6 51.86 -8.21 19.26
N VAL E 7 51.24 -7.13 18.80
CA VAL E 7 50.43 -6.28 19.69
C VAL E 7 49.22 -7.10 20.13
N PRO E 8 48.81 -7.04 21.41
CA PRO E 8 47.65 -7.80 21.86
C PRO E 8 46.36 -7.38 21.16
N THR E 9 45.39 -8.28 21.18
CA THR E 9 44.19 -8.18 20.36
C THR E 9 43.36 -6.98 20.76
N ARG E 10 43.17 -6.05 19.83
CA ARG E 10 42.36 -4.87 20.07
C ARG E 10 40.90 -5.28 20.16
N LEU E 11 40.32 -5.14 21.35
CA LEU E 11 38.90 -5.37 21.55
C LEU E 11 38.15 -4.05 21.52
N ASN E 12 36.89 -4.11 21.09
CA ASN E 12 36.06 -2.93 20.96
C ASN E 12 35.40 -2.52 22.27
N SER E 13 35.67 -3.24 23.36
CA SER E 13 35.15 -2.88 24.67
C SER E 13 36.19 -3.02 25.77
N ALA E 14 37.43 -3.33 25.46
CA ALA E 14 38.46 -3.51 26.45
C ALA E 14 39.76 -2.91 25.94
N SER E 15 40.47 -2.25 26.84
CA SER E 15 41.79 -1.71 26.55
C SER E 15 42.75 -2.19 27.61
N LEU E 16 44.04 -2.10 27.31
CA LEU E 16 45.05 -2.60 28.22
C LEU E 16 45.19 -1.67 29.41
N LYS E 17 45.78 -2.19 30.48
CA LYS E 17 46.08 -1.38 31.65
C LYS E 17 47.35 -0.58 31.40
N GLN E 18 47.92 0.03 32.44
CA GLN E 18 49.06 0.89 32.14
C GLN E 18 50.39 0.47 32.77
N PRO E 19 50.78 -0.82 32.76
CA PRO E 19 52.20 -1.13 32.49
C PRO E 19 52.38 -1.74 31.12
N TYR E 20 51.28 -2.22 30.50
CA TYR E 20 51.37 -3.01 29.29
C TYR E 20 51.05 -2.23 28.02
N ILE E 21 50.42 -1.06 28.12
CA ILE E 21 49.87 -0.40 26.93
C ILE E 21 50.97 0.20 26.05
N THR E 22 52.13 0.50 26.62
CA THR E 22 53.19 1.13 25.85
C THR E 22 54.25 0.17 25.35
N GLN E 23 54.67 -0.79 26.18
CA GLN E 23 55.90 -1.53 25.93
C GLN E 23 55.70 -2.66 24.93
N ASN E 24 56.67 -2.80 24.02
CA ASN E 24 56.73 -3.88 23.06
C ASN E 24 57.53 -5.02 23.70
N TYR E 25 57.96 -6.01 22.90
CA TYR E 25 58.73 -7.18 23.35
C TYR E 25 57.95 -7.98 24.39
N PHE E 26 56.93 -8.69 23.88
CA PHE E 26 56.18 -9.65 24.67
C PHE E 26 56.79 -11.03 24.49
N PRO E 27 57.49 -11.59 25.47
CA PRO E 27 58.02 -12.95 25.34
C PRO E 27 56.92 -13.99 25.52
N VAL E 28 57.30 -15.25 25.45
CA VAL E 28 56.35 -16.33 25.62
C VAL E 28 56.04 -16.53 27.09
N GLY E 29 54.82 -16.96 27.39
CA GLY E 29 54.35 -17.08 28.75
C GLY E 29 53.94 -15.78 29.41
N THR E 30 54.10 -14.64 28.74
CA THR E 30 53.75 -13.36 29.33
C THR E 30 52.24 -13.19 29.36
N VAL E 31 51.70 -12.86 30.54
CA VAL E 31 50.28 -12.58 30.68
C VAL E 31 50.08 -11.07 30.66
N VAL E 32 49.05 -10.63 29.96
CA VAL E 32 48.64 -9.23 29.94
C VAL E 32 47.21 -9.16 30.46
N GLU E 33 46.81 -7.98 30.90
CA GLU E 33 45.52 -7.85 31.56
C GLU E 33 44.79 -6.61 31.04
N TYR E 34 43.49 -6.77 30.81
CA TYR E 34 42.66 -5.74 30.21
C TYR E 34 41.74 -5.10 31.25
N GLU E 35 41.33 -3.87 30.96
CA GLU E 35 40.35 -3.15 31.75
C GLU E 35 39.21 -2.69 30.86
N CYS E 36 38.07 -2.40 31.48
CA CYS E 36 36.89 -2.03 30.71
C CYS E 36 37.02 -0.63 30.12
N ARG E 37 36.65 -0.52 28.86
CA ARG E 37 36.74 0.75 28.15
C ARG E 37 35.71 1.73 28.71
N PRO E 38 36.04 3.02 28.85
CA PRO E 38 35.14 3.86 29.67
C PRO E 38 33.83 4.30 29.02
N GLY E 39 32.99 3.33 28.67
CA GLY E 39 31.69 3.23 29.31
C GLY E 39 31.27 1.80 29.14
N TYR E 40 31.44 0.99 30.19
CA TYR E 40 31.23 -0.45 30.19
C TYR E 40 31.37 -0.94 31.62
N ARG E 41 31.04 -2.21 31.82
CA ARG E 41 31.19 -2.82 33.14
C ARG E 41 31.63 -4.27 32.96
N ARG E 42 32.21 -4.83 34.01
CA ARG E 42 32.82 -6.15 33.91
C ARG E 42 31.78 -7.25 33.87
N GLU E 43 32.08 -8.29 33.09
CA GLU E 43 31.37 -9.55 33.21
C GLU E 43 32.14 -10.46 34.14
N PRO E 44 31.58 -10.84 35.30
CA PRO E 44 32.39 -11.54 36.31
C PRO E 44 32.68 -12.99 35.97
N SER E 45 32.08 -13.55 34.92
CA SER E 45 32.30 -14.94 34.57
C SER E 45 33.50 -15.13 33.65
N LEU E 46 34.20 -14.06 33.29
CA LEU E 46 35.32 -14.12 32.38
C LEU E 46 36.53 -13.42 32.98
N SER E 47 37.70 -14.04 32.83
CA SER E 47 38.92 -13.49 33.38
C SER E 47 39.68 -12.76 32.29
N PRO E 48 39.98 -11.47 32.45
CA PRO E 48 40.55 -10.67 31.36
C PRO E 48 42.07 -10.79 31.26
N LYS E 49 42.55 -12.00 30.96
CA LYS E 49 43.98 -12.24 30.81
C LYS E 49 44.25 -13.00 29.53
N LEU E 50 45.41 -12.74 28.94
CA LEU E 50 45.81 -13.31 27.67
C LEU E 50 47.25 -13.79 27.79
N THR E 51 47.48 -15.06 27.48
CA THR E 51 48.82 -15.63 27.48
C THR E 51 49.28 -15.80 26.04
N CYS E 52 50.53 -15.43 25.76
CA CYS E 52 51.09 -15.70 24.46
C CYS E 52 51.67 -17.11 24.44
N LEU E 53 51.30 -17.88 23.42
CA LEU E 53 51.62 -19.29 23.36
C LEU E 53 52.97 -19.53 22.70
N GLN E 54 53.26 -20.80 22.43
CA GLN E 54 54.55 -21.17 21.84
C GLN E 54 54.66 -20.74 20.39
N ASN E 55 53.56 -20.74 19.65
CA ASN E 55 53.58 -20.35 18.25
C ASN E 55 53.44 -18.85 18.05
N LEU E 56 53.77 -18.06 19.07
CA LEU E 56 53.86 -16.59 19.01
C LEU E 56 52.51 -15.96 18.68
N LYS E 57 51.43 -16.57 19.16
CA LYS E 57 50.09 -16.01 19.03
C LYS E 57 49.42 -16.02 20.39
N TRP E 58 48.61 -15.01 20.64
CA TRP E 58 47.92 -14.87 21.90
C TRP E 58 46.80 -15.90 22.02
N SER E 59 46.30 -16.07 23.24
CA SER E 59 45.15 -16.93 23.42
C SER E 59 43.88 -16.22 22.95
N THR E 60 42.79 -16.97 22.88
CA THR E 60 41.54 -16.44 22.37
C THR E 60 40.94 -15.46 23.38
N ALA E 61 40.60 -14.26 22.91
CA ALA E 61 40.02 -13.22 23.75
C ALA E 61 38.81 -12.64 23.03
N VAL E 62 37.64 -12.70 23.66
CA VAL E 62 36.42 -12.37 22.92
C VAL E 62 35.72 -11.09 23.41
N GLU E 63 35.24 -11.05 24.65
CA GLU E 63 34.43 -9.92 25.11
C GLU E 63 34.47 -9.91 26.63
N PHE E 64 35.28 -9.05 27.21
CA PHE E 64 35.46 -9.05 28.66
C PHE E 64 34.62 -8.01 29.38
N CYS E 65 33.89 -7.17 28.66
CA CYS E 65 33.04 -6.17 29.29
C CYS E 65 31.70 -6.13 28.57
N LYS E 66 30.74 -5.41 29.16
CA LYS E 66 29.43 -5.28 28.56
C LYS E 66 28.90 -3.88 28.85
N LYS E 67 27.92 -3.46 28.05
CA LYS E 67 27.45 -2.08 28.07
C LYS E 67 26.69 -1.76 29.36
N LYS E 68 26.78 -0.51 29.79
CA LYS E 68 26.02 -0.03 30.92
C LYS E 68 24.63 0.41 30.47
N SER E 69 23.72 0.49 31.43
CA SER E 69 22.36 0.90 31.16
C SER E 69 22.13 2.32 31.65
N CYS E 70 21.65 3.18 30.76
CA CYS E 70 21.08 4.45 31.20
C CYS E 70 19.79 4.19 31.96
N PRO E 71 19.40 5.10 32.86
CA PRO E 71 18.17 4.89 33.63
C PRO E 71 16.92 4.96 32.76
N ASN E 72 15.83 4.45 33.32
CA ASN E 72 14.55 4.36 32.62
C ASN E 72 14.00 5.76 32.38
N PRO E 73 13.71 6.15 31.13
CA PRO E 73 13.24 7.52 30.88
C PRO E 73 11.88 7.84 31.46
N GLY E 74 11.02 6.85 31.67
CA GLY E 74 9.76 7.11 32.33
C GLY E 74 8.70 7.58 31.35
N GLU E 75 7.99 8.65 31.72
CA GLU E 75 6.83 9.10 30.96
C GLU E 75 6.88 10.61 30.78
N ILE E 76 6.34 11.07 29.65
CA ILE E 76 6.05 12.47 29.41
C ILE E 76 4.55 12.66 29.50
N ARG E 77 4.10 13.66 30.24
CA ARG E 77 2.67 13.94 30.31
C ARG E 77 2.19 14.50 28.97
N ASN E 78 1.12 13.89 28.46
CA ASN E 78 0.58 14.14 27.12
C ASN E 78 1.61 13.92 26.02
N GLY E 79 2.48 12.93 26.17
CA GLY E 79 3.46 12.64 25.14
C GLY E 79 3.90 11.20 25.15
N GLN E 80 4.67 10.84 24.12
CA GLN E 80 5.31 9.54 24.05
C GLN E 80 6.79 9.62 24.39
N ILE E 81 7.36 8.43 24.60
CA ILE E 81 8.79 8.19 24.50
C ILE E 81 8.96 6.93 23.66
N ASP E 82 9.71 7.04 22.57
CA ASP E 82 9.93 5.93 21.66
C ASP E 82 11.33 5.38 21.86
N VAL E 83 11.42 4.11 22.24
CA VAL E 83 12.69 3.47 22.54
C VAL E 83 12.89 2.33 21.54
N PRO E 84 13.49 2.58 20.39
CA PRO E 84 13.58 1.53 19.37
C PRO E 84 14.68 0.51 19.62
N GLY E 85 15.78 0.92 20.25
CA GLY E 85 16.94 0.06 20.35
C GLY E 85 17.50 -0.13 21.74
N GLY E 86 16.63 -0.23 22.74
CA GLY E 86 17.08 -0.39 24.11
C GLY E 86 17.60 0.92 24.67
N ILE E 87 18.08 0.85 25.91
CA ILE E 87 18.59 2.04 26.58
C ILE E 87 20.03 1.82 27.02
N LEU E 88 20.77 1.01 26.26
CA LEU E 88 22.18 0.77 26.54
C LEU E 88 23.01 1.95 26.07
N PHE E 89 24.33 1.84 26.23
CA PHE E 89 25.24 2.91 25.83
C PHE E 89 25.26 3.05 24.31
N GLY E 90 24.99 4.27 23.84
CA GLY E 90 24.89 4.52 22.42
C GLY E 90 23.50 4.37 21.85
N ALA E 91 22.48 4.56 22.68
CA ALA E 91 21.09 4.41 22.23
C ALA E 91 20.54 5.75 21.79
N THR E 92 19.28 5.74 21.39
CA THR E 92 18.59 6.94 20.93
C THR E 92 17.11 6.79 21.24
N ILE E 93 16.55 7.77 21.96
CA ILE E 93 15.12 7.81 22.18
C ILE E 93 14.59 9.10 21.57
N SER E 94 13.32 9.08 21.17
CA SER E 94 12.69 10.23 20.54
C SER E 94 11.43 10.61 21.31
N PHE E 95 10.95 11.82 21.03
CA PHE E 95 9.94 12.51 21.83
C PHE E 95 8.87 13.06 20.90
N SER E 96 7.60 12.96 21.33
CA SER E 96 6.49 13.43 20.51
C SER E 96 5.29 13.71 21.38
N CYS E 97 4.63 14.84 21.17
CA CYS E 97 3.42 15.21 21.90
C CYS E 97 2.18 14.93 21.06
N ASN E 98 1.04 14.79 21.74
CA ASN E 98 -0.17 14.26 21.12
C ASN E 98 -0.89 15.31 20.28
N THR E 99 -2.11 14.99 19.87
CA THR E 99 -2.96 15.93 19.16
C THR E 99 -3.41 17.04 20.10
N GLY E 100 -3.43 18.26 19.58
CA GLY E 100 -3.81 19.39 20.41
C GLY E 100 -2.74 19.83 21.39
N TYR E 101 -1.52 19.33 21.25
CA TYR E 101 -0.42 19.68 22.13
C TYR E 101 0.81 19.98 21.29
N LYS E 102 1.71 20.81 21.84
CA LYS E 102 2.91 21.21 21.13
C LYS E 102 4.14 20.88 21.96
N LEU E 103 5.18 20.39 21.28
CA LEU E 103 6.43 20.04 21.92
C LEU E 103 7.31 21.27 22.13
N PHE E 104 7.86 21.40 23.33
CA PHE E 104 8.78 22.48 23.67
C PHE E 104 10.01 21.88 24.32
N GLY E 105 11.16 22.01 23.64
CA GLY E 105 12.40 21.49 24.17
C GLY E 105 13.16 20.68 23.14
N SER E 106 13.47 19.43 23.47
CA SER E 106 14.31 18.57 22.65
C SER E 106 13.48 17.48 21.99
N THR E 107 13.92 17.03 20.82
CA THR E 107 13.20 15.99 20.10
C THR E 107 13.88 14.62 20.18
N SER E 108 15.10 14.56 20.71
CA SER E 108 15.80 13.29 20.83
C SER E 108 16.87 13.41 21.91
N SER E 109 17.20 12.28 22.53
CA SER E 109 18.25 12.21 23.53
C SER E 109 19.13 11.00 23.29
N PHE E 110 20.37 11.07 23.74
CA PHE E 110 21.35 10.01 23.57
C PHE E 110 21.80 9.51 24.94
N CYS E 111 22.09 8.22 25.04
CA CYS E 111 22.67 7.64 26.25
C CYS E 111 24.19 7.79 26.17
N LEU E 112 24.66 8.98 26.50
CA LEU E 112 26.08 9.28 26.43
C LEU E 112 26.75 8.97 27.77
N ILE E 113 28.02 9.36 27.91
CA ILE E 113 28.76 9.19 29.15
C ILE E 113 28.75 10.52 29.90
N SER E 114 28.51 10.46 31.22
CA SER E 114 28.60 11.62 32.09
C SER E 114 29.34 11.20 33.35
N GLY E 115 30.62 11.56 33.42
CA GLY E 115 31.42 11.26 34.60
C GLY E 115 31.92 9.84 34.66
N SER E 116 31.42 9.07 35.64
CA SER E 116 31.79 7.68 35.82
C SER E 116 30.66 6.73 35.44
N SER E 117 29.56 7.26 34.94
CA SER E 117 28.40 6.44 34.57
C SER E 117 27.87 6.98 33.26
N VAL E 118 26.70 6.47 32.86
CA VAL E 118 26.04 6.90 31.64
C VAL E 118 24.76 7.62 31.99
N GLN E 119 24.49 8.72 31.28
CA GLN E 119 23.33 9.55 31.52
C GLN E 119 22.70 9.92 30.19
N TRP E 120 21.56 10.58 30.23
CA TRP E 120 20.92 11.07 29.02
C TRP E 120 21.43 12.46 28.70
N SER E 121 21.48 12.77 27.40
CA SER E 121 22.12 14.01 26.98
C SER E 121 21.22 15.22 27.17
N ASP E 122 19.91 15.05 27.03
CA ASP E 122 18.98 16.16 27.07
C ASP E 122 17.92 15.91 28.13
N PRO E 123 17.42 16.95 28.78
CA PRO E 123 16.39 16.75 29.81
C PRO E 123 15.03 16.45 29.20
N LEU E 124 14.06 16.19 30.04
CA LEU E 124 12.76 15.74 29.57
C LEU E 124 11.95 16.94 29.08
N PRO E 125 11.40 16.91 27.88
CA PRO E 125 10.70 18.08 27.34
C PRO E 125 9.29 18.17 27.90
N GLU E 126 8.55 19.16 27.42
CA GLU E 126 7.24 19.50 27.97
C GLU E 126 6.24 19.61 26.83
N CYS E 127 5.01 19.17 27.08
CA CYS E 127 3.92 19.25 26.11
C CYS E 127 2.93 20.32 26.60
N ARG E 128 3.02 21.53 26.05
CA ARG E 128 2.00 22.54 26.34
C ARG E 128 0.77 22.27 25.49
N GLU E 129 -0.33 22.95 25.82
CA GLU E 129 -1.58 22.79 25.12
C GLU E 129 -1.76 23.90 24.09
N ILE E 130 -2.19 23.53 22.89
CA ILE E 130 -2.43 24.48 21.81
C ILE E 130 -3.85 25.00 21.91
N TYR E 131 -4.03 26.31 21.81
CA TYR E 131 -5.34 26.93 21.84
C TYR E 131 -5.58 27.73 20.57
N CYS E 132 -6.77 27.55 19.98
CA CYS E 132 -7.25 28.50 19.00
C CYS E 132 -7.59 29.82 19.70
N PRO E 133 -7.45 30.95 19.01
CA PRO E 133 -7.77 32.24 19.64
C PRO E 133 -9.26 32.47 19.86
N ALA E 134 -9.61 33.68 20.28
CA ALA E 134 -10.98 34.01 20.67
C ALA E 134 -11.92 33.92 19.47
N PRO E 135 -13.12 33.38 19.65
CA PRO E 135 -14.03 33.20 18.51
C PRO E 135 -14.60 34.52 18.04
N PRO E 136 -14.80 34.69 16.73
CA PRO E 136 -15.28 35.97 16.22
C PRO E 136 -16.76 36.19 16.52
N GLN E 137 -17.07 37.38 16.99
CA GLN E 137 -18.46 37.77 17.19
C GLN E 137 -19.11 38.08 15.84
N ILE E 138 -20.32 37.56 15.64
CA ILE E 138 -21.06 37.88 14.44
C ILE E 138 -22.01 39.03 14.74
N ASP E 139 -22.38 39.75 13.69
CA ASP E 139 -23.31 40.85 13.84
C ASP E 139 -24.72 40.29 13.90
N ASN E 140 -25.48 40.72 14.91
CA ASN E 140 -26.85 40.28 15.21
C ASN E 140 -26.92 38.77 15.44
N GLY E 141 -26.21 38.32 16.48
CA GLY E 141 -26.22 36.92 16.84
C GLY E 141 -25.20 36.55 17.90
N ILE E 142 -25.53 35.62 18.78
CA ILE E 142 -24.69 35.31 19.93
C ILE E 142 -24.18 33.88 19.88
N ILE E 143 -23.32 33.52 20.82
CA ILE E 143 -22.72 32.19 20.92
C ILE E 143 -23.39 31.47 22.08
N GLN E 144 -23.87 30.25 21.83
CA GLN E 144 -24.54 29.47 22.85
C GLN E 144 -23.50 28.88 23.80
N GLY E 145 -23.38 29.45 24.99
CA GLY E 145 -22.47 28.95 25.99
C GLY E 145 -21.02 29.16 25.63
N GLU E 146 -20.57 30.40 25.63
CA GLU E 146 -19.20 30.72 25.24
C GLU E 146 -18.24 30.31 26.34
N ARG E 147 -17.31 29.43 26.01
CA ARG E 147 -16.28 28.98 26.92
C ARG E 147 -15.08 29.92 26.86
N ASP E 148 -14.19 29.79 27.83
CA ASP E 148 -13.04 30.70 27.88
C ASP E 148 -11.88 30.21 27.02
N HIS E 149 -11.56 28.92 27.06
CA HIS E 149 -10.45 28.36 26.29
C HIS E 149 -10.95 27.31 25.33
N TYR E 150 -10.49 27.38 24.09
CA TYR E 150 -10.93 26.49 23.02
C TYR E 150 -9.74 25.70 22.50
N GLY E 151 -9.71 24.40 22.81
CA GLY E 151 -8.66 23.52 22.37
C GLY E 151 -8.99 22.87 21.04
N TYR E 152 -8.32 21.75 20.78
CA TYR E 152 -8.46 21.06 19.51
C TYR E 152 -9.82 20.34 19.43
N ARG E 153 -10.38 20.32 18.22
CA ARG E 153 -11.67 19.74 17.83
C ARG E 153 -12.88 20.38 18.49
N GLN E 154 -12.73 21.51 19.15
CA GLN E 154 -13.84 22.08 19.89
C GLN E 154 -14.54 23.15 19.06
N SER E 155 -15.85 23.19 19.16
CA SER E 155 -16.66 24.00 18.27
C SER E 155 -17.53 24.97 19.07
N VAL E 156 -17.85 26.10 18.45
CA VAL E 156 -18.79 27.08 18.98
C VAL E 156 -20.03 27.05 18.09
N THR E 157 -21.20 27.12 18.71
CA THR E 157 -22.46 27.15 17.97
C THR E 157 -23.03 28.56 18.00
N TYR E 158 -23.21 29.15 16.84
CA TYR E 158 -23.78 30.49 16.74
C TYR E 158 -25.30 30.40 16.69
N ALA E 159 -25.96 31.07 17.62
CA ALA E 159 -27.40 31.25 17.55
C ALA E 159 -27.67 32.52 16.75
N CYS E 160 -28.93 32.95 16.71
CA CYS E 160 -29.28 34.14 15.95
C CYS E 160 -30.49 34.78 16.59
N ASN E 161 -30.55 36.11 16.52
CA ASN E 161 -31.54 36.86 17.27
C ASN E 161 -32.91 36.79 16.62
N LYS E 162 -33.89 37.37 17.31
CA LYS E 162 -35.25 37.43 16.81
C LYS E 162 -35.35 38.42 15.66
N GLY E 163 -35.92 37.95 14.54
CA GLY E 163 -36.06 38.79 13.38
C GLY E 163 -34.93 38.73 12.39
N PHE E 164 -33.99 37.80 12.56
CA PHE E 164 -32.85 37.67 11.67
C PHE E 164 -32.72 36.22 11.24
N THR E 165 -32.23 36.02 10.02
CA THR E 165 -32.18 34.71 9.39
C THR E 165 -30.73 34.27 9.25
N MET E 166 -30.44 33.04 9.69
CA MET E 166 -29.12 32.46 9.52
C MET E 166 -28.82 32.21 8.05
N ILE E 167 -27.53 32.29 7.72
CA ILE E 167 -27.02 31.93 6.39
C ILE E 167 -25.75 31.11 6.59
N GLY E 168 -25.72 29.92 6.06
CA GLY E 168 -24.52 29.11 6.13
C GLY E 168 -24.55 28.14 7.28
N GLU E 169 -23.37 27.59 7.57
CA GLU E 169 -23.22 26.63 8.66
C GLU E 169 -23.41 27.31 10.00
N HIS E 170 -23.98 26.57 10.95
CA HIS E 170 -24.17 27.13 12.29
C HIS E 170 -22.85 27.19 13.05
N SER E 171 -22.06 26.14 12.99
CA SER E 171 -20.92 25.97 13.89
C SER E 171 -19.61 25.85 13.13
N ILE E 172 -18.57 26.49 13.68
CA ILE E 172 -17.20 26.31 13.20
C ILE E 172 -16.41 25.67 14.32
N TYR E 173 -15.30 25.02 13.97
CA TYR E 173 -14.51 24.29 14.95
C TYR E 173 -13.05 24.62 14.79
N CYS E 174 -12.27 24.26 15.80
CA CYS E 174 -10.85 24.61 15.89
C CYS E 174 -9.99 23.57 15.21
N THR E 175 -9.03 24.04 14.41
CA THR E 175 -8.08 23.19 13.72
C THR E 175 -6.67 23.65 14.04
N VAL E 176 -5.72 22.75 13.82
CA VAL E 176 -4.30 23.05 13.99
C VAL E 176 -3.62 22.90 12.64
N ASN E 177 -3.06 24.00 12.14
CA ASN E 177 -2.33 24.02 10.88
C ASN E 177 -1.00 24.71 11.12
N ASN E 178 0.08 24.03 10.74
CA ASN E 178 1.46 24.48 10.94
C ASN E 178 1.74 24.77 12.41
N ASP E 179 1.25 23.87 13.28
CA ASP E 179 1.38 23.92 14.73
C ASP E 179 0.78 25.20 15.32
N GLU E 180 -0.29 25.69 14.71
CA GLU E 180 -0.92 26.94 15.11
C GLU E 180 -2.43 26.75 15.15
N GLY E 181 -3.07 27.28 16.18
CA GLY E 181 -4.51 27.20 16.27
C GLY E 181 -5.18 28.10 15.24
N GLU E 182 -6.32 27.64 14.73
CA GLU E 182 -7.03 28.32 13.65
C GLU E 182 -8.43 27.75 13.56
N TRP E 183 -9.42 28.62 13.37
CA TRP E 183 -10.77 28.16 13.14
C TRP E 183 -10.93 27.65 11.72
N SER E 184 -11.91 26.78 11.52
CA SER E 184 -12.00 26.03 10.28
C SER E 184 -12.55 26.85 9.12
N GLY E 185 -13.50 27.73 9.38
CA GLY E 185 -14.10 28.51 8.32
C GLY E 185 -14.52 29.89 8.75
N PRO E 186 -15.18 30.63 7.86
CA PRO E 186 -15.71 31.92 8.23
C PRO E 186 -16.97 31.74 9.07
N PRO E 187 -17.24 32.66 10.00
CA PRO E 187 -18.45 32.57 10.80
C PRO E 187 -19.66 32.94 9.98
N PRO E 188 -20.85 32.45 10.33
CA PRO E 188 -22.07 32.78 9.57
C PRO E 188 -22.52 34.22 9.74
N GLU E 189 -23.66 34.56 9.14
CA GLU E 189 -24.17 35.92 9.24
C GLU E 189 -25.69 35.90 9.30
N CYS E 190 -26.25 36.86 10.02
CA CYS E 190 -27.68 37.05 10.15
C CYS E 190 -28.07 38.34 9.44
N ARG E 191 -28.92 38.25 8.43
CA ARG E 191 -29.34 39.43 7.68
C ARG E 191 -30.62 40.03 8.23
N GLY E 192 -31.71 39.26 8.22
CA GLY E 192 -33.00 39.78 8.58
C GLY E 192 -33.59 40.68 7.50
C1 SPH F . 9.32 -7.81 0.89
O1 SPH F . 8.06 -8.08 1.46
C2 SPH F . 10.35 -8.74 1.50
N2 SPH F . 10.49 -8.39 2.90
C3 SPH F . 9.88 -10.18 1.39
O3 SPH F . 9.21 -10.36 0.17
C4 SPH F . 11.06 -11.12 1.45
C5 SPH F . 12.27 -10.83 0.67
C6 SPH F . 13.07 -11.94 0.04
C7 SPH F . 13.63 -12.86 1.11
C8 SPH F . 14.98 -13.41 0.66
C9 SPH F . 15.66 -14.16 1.80
C10 SPH F . 17.02 -13.55 2.10
C11 SPH F . 18.16 -14.37 1.49
C12 SPH F . 18.61 -13.82 0.14
C13 SPH F . 20.14 -13.71 0.00
C14 SPH F . 20.92 -14.78 0.77
C15 SPH F . 21.91 -15.43 -0.19
C16 SPH F . 22.45 -16.75 0.34
C17 SPH F . 23.59 -17.23 -0.56
C18 SPH F . 24.64 -17.96 0.26
#